data_7G7E
#
_entry.id   7G7E
#
_cell.length_a   83.962
_cell.length_b   91.337
_cell.length_c   119.725
_cell.angle_alpha   90.000
_cell.angle_beta   90.000
_cell.angle_gamma   90.000
#
_symmetry.space_group_name_H-M   'P 21 21 21'
#
loop_
_entity.id
_entity.type
_entity.pdbx_description
1 polymer 'Isoform 2 of Ectonucleotide pyrophosphatase/phosphodiesterase family member 2'
2 branched alpha-D-mannopyranose-(1-2)-alpha-D-mannopyranose-(1-3)-alpha-D-mannopyranose-(1-6)-[alpha-D-mannopyranose-(1-2)-alpha-D-mannopyranose-(1-3)]beta-D-mannopyranose-(1-4)-2-acetamido-2-deoxy-beta-D-glucopyranose-(1-4)-2-acetamido-2-deoxy-beta-D-glucopyranose
3 non-polymer '[4-(trifluoromethoxy)phenyl]methyl (3aR,6aS)-3a-methyl-5-(4-sulfamoylbenzoyl)hexahydropyrrolo[3,4-c]pyrrole-2(1H)-carboxylate'
4 non-polymer 'CHLORIDE ION'
5 non-polymer 'ACETATE ION'
6 non-polymer 'POTASSIUM ION'
7 non-polymer 'ZINC ION'
8 non-polymer 'SODIUM ION'
9 non-polymer 'CALCIUM ION'
10 water water
#
_entity_poly.entity_id   1
_entity_poly.type   'polypeptide(L)'
_entity_poly.pdbx_seq_one_letter_code
;FTASRIKRAEWDEGPPTVLSDSPWTATSGSCKGRCFELQEVGPPDCRCDNLCKSYSSCCHDFDELCLKTARGWECTKDRC
GEVRNEENACHCSEDCLSRGDCCTNYQVVCKGESHWVDDDCEEIKVPECPAGFVRPPLIIFSVDGFRASYMKKGSKVMPN
IEKLRSCGTHAPYMRPVYPTKTFPNLYTLATGLYPESHGIVGNSMYDPVFDASFHLRGREKFNHRWWGGQPLWITATKQG
VRAGTFFWSVSIPHERRILTILQWLSLPDNERPSVYAFYSEQPDFSGHKYGPFGPEMTNPLREIDKTVGQLMDGLKQLRL
HRCVNVIFVGDHGMEDVTCDRTEFLSNYLTNVDDITLVPGTLGRIRAKSINNSKYDPKTIIAALTCKKPDQHFKPYMKQH
LPKRLHYANNRRIEDIHLLVDRRWHVARKPLDVYKKPSGKCFFQGDHGFDNKVNSMQTVFVGYGPTFKYRTKVPPFENIE
LYNVMCDLLGLKPAPNNGTHGSLNHLLRTNTFRPTMPDEVSRPNYPGIMYLQSEFDLGCTCDDKVEPKNKLEELNKRLHT
KGSTKERHLLYGRPAVLYRTSYDILYHTDFESGYSEIFLMPLWTSYTISKQAEVSSIPEHLTNCVRPDVRVSPGFSQNCL
AYKNDKQMSYGFLFPPYLSSSPEAKYDAFLVTNMVPMYPAFKRVWAYFQRVLVKKYASERNGVNVISGPIFDYNYDGLRD
TEDEIKQYVEGSSIPVPTHYYSIITSCLDFTQPADKCDGPLSVSSFILPHRPDNDESCNSSEDESKWVEELMKMHTARVR
DIEHLTGLDFYRKTSRSYSEILTLKTYLHTYESEIGGRHHHHHHHH
;
_entity_poly.pdbx_strand_id   A
#
loop_
_chem_comp.id
_chem_comp.type
_chem_comp.name
_chem_comp.formula
ACT non-polymer 'ACETATE ION' 'C2 H3 O2 -1'
BMA D-saccharide, beta linking beta-D-mannopyranose 'C6 H12 O6'
CA non-polymer 'CALCIUM ION' 'Ca 2'
CL non-polymer 'CHLORIDE ION' 'Cl -1'
K non-polymer 'POTASSIUM ION' 'K 1'
MAN D-saccharide, alpha linking alpha-D-mannopyranose 'C6 H12 O6'
NA non-polymer 'SODIUM ION' 'Na 1'
NAG D-saccharide, beta linking 2-acetamido-2-deoxy-beta-D-glucopyranose 'C8 H15 N O6'
Y8K non-polymer '[4-(trifluoromethoxy)phenyl]methyl (3aR,6aS)-3a-methyl-5-(4-sulfamoylbenzoyl)hexahydropyrrolo[3,4-c]pyrrole-2(1H)-carboxylate' 'C23 H24 F3 N3 O6 S'
ZN non-polymer 'ZINC ION' 'Zn 2'
#
# COMPACT_ATOMS: atom_id res chain seq x y z
N TRP A 24 27.85 12.15 -27.15
CA TRP A 24 28.22 11.70 -28.53
C TRP A 24 28.19 10.17 -28.68
N THR A 25 27.46 9.73 -29.71
CA THR A 25 27.47 8.35 -30.18
C THR A 25 27.88 8.33 -31.67
N ALA A 26 29.01 7.65 -31.94
CA ALA A 26 29.46 7.40 -33.30
C ALA A 26 28.59 6.27 -33.86
N THR A 27 27.53 6.66 -34.58
CA THR A 27 26.42 5.75 -34.98
C THR A 27 26.73 4.83 -36.20
N SER A 28 28.03 4.62 -36.47
CA SER A 28 28.52 3.94 -37.70
C SER A 28 28.90 2.43 -37.61
N GLY A 29 28.82 1.83 -36.41
CA GLY A 29 28.87 0.36 -36.27
C GLY A 29 27.57 -0.30 -36.75
N SER A 30 27.44 -1.61 -36.57
CA SER A 30 26.29 -2.35 -37.08
C SER A 30 25.53 -3.25 -36.07
N CYS A 31 24.22 -3.32 -36.28
CA CYS A 31 23.37 -4.18 -35.46
C CYS A 31 23.31 -5.61 -35.95
N LYS A 32 24.05 -5.91 -37.03
CA LYS A 32 24.15 -7.25 -37.62
C LYS A 32 24.41 -8.29 -36.52
N GLY A 33 23.52 -9.27 -36.42
CA GLY A 33 23.52 -10.25 -35.32
C GLY A 33 23.31 -9.79 -33.87
N ARG A 34 23.23 -8.47 -33.62
CA ARG A 34 23.09 -7.92 -32.26
C ARG A 34 21.67 -7.43 -31.89
N CYS A 35 20.65 -7.75 -32.67
CA CYS A 35 19.35 -7.09 -32.50
C CYS A 35 18.78 -7.41 -31.10
N PHE A 36 18.44 -6.38 -30.32
CA PHE A 36 17.92 -6.55 -28.96
C PHE A 36 18.87 -7.33 -28.03
N GLU A 37 20.15 -7.03 -28.20
CA GLU A 37 21.22 -7.51 -27.33
C GLU A 37 20.89 -7.24 -25.86
N LEU A 38 21.29 -8.18 -25.02
CA LEU A 38 20.91 -8.15 -23.61
C LEU A 38 21.81 -7.32 -22.70
N GLN A 39 23.12 -7.34 -22.94
CA GLN A 39 24.04 -6.49 -22.21
C GLN A 39 24.26 -5.26 -23.06
N GLU A 40 24.26 -4.10 -22.43
CA GLU A 40 24.36 -2.83 -23.12
C GLU A 40 25.82 -2.37 -23.27
N VAL A 41 26.17 -1.83 -24.44
CA VAL A 41 27.52 -1.25 -24.67
C VAL A 41 27.58 0.28 -24.48
N GLY A 42 28.77 0.78 -24.06
CA GLY A 42 28.97 2.17 -23.65
C GLY A 42 29.39 3.12 -24.76
N PRO A 43 28.60 4.21 -24.99
CA PRO A 43 28.95 5.30 -25.95
C PRO A 43 30.43 5.75 -25.91
N PRO A 44 31.05 6.14 -27.04
CA PRO A 44 30.40 6.16 -28.39
C PRO A 44 30.52 4.88 -29.28
N ASP A 45 30.30 3.70 -28.68
CA ASP A 45 29.91 2.51 -29.46
C ASP A 45 28.39 2.57 -29.61
N CYS A 46 27.90 2.21 -30.79
CA CYS A 46 26.46 2.30 -31.08
C CYS A 46 25.67 1.09 -30.55
N ARG A 47 24.44 1.38 -30.11
CA ARG A 47 23.63 0.43 -29.35
C ARG A 47 22.56 -0.23 -30.22
N CYS A 48 22.19 -1.47 -29.86
CA CYS A 48 21.12 -2.20 -30.56
C CYS A 48 20.07 -2.72 -29.57
N ASP A 49 20.07 -2.19 -28.34
CA ASP A 49 19.13 -2.67 -27.30
C ASP A 49 17.78 -1.96 -27.40
N ASN A 50 16.77 -2.51 -26.72
CA ASN A 50 15.38 -2.00 -26.82
C ASN A 50 15.19 -0.61 -26.24
N LEU A 51 16.29 -0.01 -25.77
CA LEU A 51 16.34 1.37 -25.26
C LEU A 51 17.20 2.37 -26.05
N CYS A 52 17.88 1.92 -27.11
CA CYS A 52 18.75 2.80 -27.91
C CYS A 52 18.00 3.98 -28.53
N LYS A 53 16.76 3.76 -28.92
CA LYS A 53 15.89 4.80 -29.49
C LYS A 53 15.81 6.04 -28.58
N SER A 54 15.51 5.80 -27.29
CA SER A 54 15.37 6.86 -26.25
C SER A 54 16.66 7.63 -25.90
N TYR A 55 17.78 7.21 -26.48
CA TYR A 55 19.08 7.78 -26.22
C TYR A 55 19.70 8.40 -27.47
N SER A 56 19.00 8.31 -28.61
CA SER A 56 19.58 8.68 -29.94
C SER A 56 20.89 7.93 -30.24
N SER A 57 20.99 6.67 -29.79
CA SER A 57 22.25 5.94 -29.86
C SER A 57 22.25 4.65 -30.70
N CYS A 58 21.13 4.35 -31.37
CA CYS A 58 21.04 3.14 -32.23
C CYS A 58 22.04 3.22 -33.37
N CYS A 59 22.59 2.08 -33.79
CA CYS A 59 23.40 2.00 -35.03
C CYS A 59 22.54 2.33 -36.24
N HIS A 60 23.21 2.79 -37.30
CA HIS A 60 22.56 3.24 -38.53
C HIS A 60 21.51 2.27 -39.07
N ASP A 61 21.76 0.95 -38.90
CA ASP A 61 20.93 -0.12 -39.48
C ASP A 61 19.93 -0.77 -38.50
N PHE A 62 19.77 -0.12 -37.35
CA PHE A 62 18.87 -0.63 -36.30
C PHE A 62 17.49 -0.87 -36.85
N ASP A 63 16.85 0.14 -37.45
CA ASP A 63 15.50 -0.01 -38.04
C ASP A 63 15.44 -1.12 -39.06
N GLU A 64 16.39 -1.09 -40.00
CA GLU A 64 16.44 -2.05 -41.10
C GLU A 64 16.52 -3.50 -40.56
N LEU A 65 17.50 -3.74 -39.70
CA LEU A 65 17.79 -5.08 -39.23
C LEU A 65 16.88 -5.54 -38.12
N CYS A 66 16.59 -4.64 -37.17
CA CYS A 66 15.92 -5.01 -35.93
C CYS A 66 14.44 -4.73 -35.89
N LEU A 67 13.96 -3.81 -36.72
CA LEU A 67 12.54 -3.44 -36.67
C LEU A 67 11.82 -3.78 -37.97
N LYS A 68 12.15 -4.95 -38.51
CA LYS A 68 11.57 -5.45 -39.75
C LYS A 68 10.06 -5.47 -39.61
N THR A 69 9.38 -5.16 -40.69
CA THR A 69 7.90 -5.14 -40.69
C THR A 69 7.28 -5.85 -41.88
N ALA A 70 8.08 -6.12 -42.91
CA ALA A 70 7.60 -6.73 -44.16
C ALA A 70 6.69 -7.92 -43.91
N ARG A 71 5.52 -7.85 -44.53
CA ARG A 71 4.54 -8.93 -44.61
C ARG A 71 3.71 -9.04 -43.33
N GLY A 72 4.00 -8.19 -42.35
CA GLY A 72 3.17 -8.08 -41.14
C GLY A 72 3.50 -9.13 -40.08
N TRP A 73 2.48 -9.50 -39.30
CA TRP A 73 2.69 -10.23 -38.04
C TRP A 73 2.09 -11.64 -38.03
N GLU A 74 1.41 -12.01 -39.09
CA GLU A 74 0.71 -13.28 -39.12
C GLU A 74 1.05 -14.12 -40.35
N CYS A 75 1.17 -15.44 -40.16
CA CYS A 75 1.19 -16.34 -41.28
C CYS A 75 -0.21 -16.39 -41.89
N THR A 76 -0.22 -16.67 -43.19
CA THR A 76 -1.43 -16.99 -43.97
C THR A 76 -1.13 -18.30 -44.70
N LYS A 77 -2.17 -18.95 -45.24
CA LYS A 77 -2.04 -20.27 -45.92
C LYS A 77 -0.89 -20.35 -46.91
N ASP A 78 -0.85 -19.41 -47.86
CA ASP A 78 0.19 -19.37 -48.91
C ASP A 78 1.63 -19.10 -48.46
N ARG A 79 1.83 -18.64 -47.23
CA ARG A 79 3.18 -18.41 -46.71
C ARG A 79 3.77 -19.69 -46.13
N CYS A 80 2.91 -20.68 -45.87
CA CYS A 80 3.32 -21.91 -45.16
C CYS A 80 4.41 -22.66 -45.92
N GLY A 81 5.48 -23.03 -45.22
CA GLY A 81 6.65 -23.68 -45.81
C GLY A 81 7.40 -22.89 -46.89
N GLU A 82 7.20 -21.56 -46.92
CA GLU A 82 7.92 -20.64 -47.80
C GLU A 82 9.47 -20.78 -47.66
N VAL A 83 10.18 -20.13 -48.57
CA VAL A 83 11.63 -20.03 -48.51
C VAL A 83 11.94 -18.87 -47.55
N ARG A 84 12.75 -19.15 -46.53
CA ARG A 84 13.16 -18.11 -45.58
C ARG A 84 13.60 -16.85 -46.31
N ASN A 85 12.91 -15.75 -46.04
CA ASN A 85 13.21 -14.44 -46.55
C ASN A 85 13.49 -13.57 -45.34
N GLU A 86 14.79 -13.30 -45.09
CA GLU A 86 15.23 -12.60 -43.88
C GLU A 86 14.63 -11.19 -43.73
N GLU A 87 14.04 -10.65 -44.79
CA GLU A 87 13.39 -9.33 -44.72
C GLU A 87 12.05 -9.29 -43.97
N ASN A 88 11.42 -10.45 -43.78
CA ASN A 88 10.08 -10.52 -43.18
C ASN A 88 10.11 -10.26 -41.69
N ALA A 89 9.00 -9.74 -41.17
CA ALA A 89 8.91 -9.36 -39.77
C ALA A 89 8.99 -10.64 -38.97
N CYS A 90 8.30 -11.66 -39.45
CA CYS A 90 8.36 -12.99 -38.83
C CYS A 90 8.20 -14.03 -39.94
N HIS A 91 8.30 -15.31 -39.61
CA HIS A 91 8.58 -16.31 -40.64
C HIS A 91 7.64 -17.46 -40.59
N CYS A 92 7.39 -18.06 -41.76
CA CYS A 92 6.47 -19.18 -41.89
C CYS A 92 7.13 -20.36 -42.60
N SER A 93 8.44 -20.22 -42.77
CA SER A 93 9.32 -21.20 -43.38
C SER A 93 9.48 -22.36 -42.42
N GLU A 94 9.98 -23.48 -42.93
CA GLU A 94 10.11 -24.71 -42.15
C GLU A 94 11.10 -24.62 -40.99
N ASP A 95 12.18 -23.88 -41.19
CA ASP A 95 13.23 -23.79 -40.18
C ASP A 95 12.89 -22.82 -39.05
N CYS A 96 11.74 -22.14 -39.11
CA CYS A 96 11.46 -21.04 -38.15
C CYS A 96 11.45 -21.45 -36.67
N LEU A 97 10.93 -22.63 -36.35
CA LEU A 97 10.82 -23.03 -34.94
C LEU A 97 12.19 -23.10 -34.28
N SER A 98 13.15 -23.77 -34.93
CA SER A 98 14.54 -23.88 -34.44
C SER A 98 15.31 -22.58 -34.53
N ARG A 99 14.92 -21.72 -35.47
CA ARG A 99 15.39 -20.33 -35.51
C ARG A 99 14.72 -19.48 -34.38
N GLY A 100 13.63 -20.01 -33.81
CA GLY A 100 12.82 -19.30 -32.80
C GLY A 100 12.21 -17.98 -33.27
N ASP A 101 11.83 -17.88 -34.53
CA ASP A 101 11.32 -16.60 -35.06
C ASP A 101 10.12 -16.76 -36.01
N CYS A 102 9.33 -17.80 -35.79
CA CYS A 102 8.03 -17.90 -36.46
C CYS A 102 7.09 -16.76 -36.02
N CYS A 103 6.13 -16.43 -36.89
CA CYS A 103 4.99 -15.66 -36.43
C CYS A 103 4.29 -16.49 -35.38
N THR A 104 3.59 -15.80 -34.49
CA THR A 104 3.04 -16.47 -33.31
C THR A 104 1.92 -17.44 -33.70
N ASN A 105 1.30 -17.23 -34.86
CA ASN A 105 0.18 -18.07 -35.31
C ASN A 105 0.62 -19.18 -36.32
N TYR A 106 1.93 -19.31 -36.49
CA TYR A 106 2.50 -20.25 -37.46
C TYR A 106 1.94 -21.65 -37.39
N GLN A 107 1.88 -22.21 -36.19
CA GLN A 107 1.40 -23.57 -36.02
C GLN A 107 -0.08 -23.67 -36.25
N VAL A 108 -0.78 -22.58 -35.96
CA VAL A 108 -2.22 -22.56 -36.15
C VAL A 108 -2.52 -22.59 -37.66
N VAL A 109 -1.90 -21.69 -38.41
CA VAL A 109 -2.14 -21.54 -39.83
C VAL A 109 -1.60 -22.74 -40.64
N CYS A 110 -0.40 -23.18 -40.32
CA CYS A 110 0.37 -24.09 -41.13
C CYS A 110 0.45 -25.53 -40.62
N LYS A 111 0.31 -25.74 -39.31
CA LYS A 111 0.46 -27.08 -38.75
C LYS A 111 -0.83 -27.64 -38.15
N GLY A 112 -1.97 -27.02 -38.47
CA GLY A 112 -3.28 -27.42 -37.92
C GLY A 112 -3.44 -27.37 -36.40
N GLU A 113 -2.59 -26.59 -35.72
CA GLU A 113 -2.72 -26.44 -34.25
C GLU A 113 -3.89 -25.51 -33.86
N SER A 114 -4.40 -25.65 -32.64
CA SER A 114 -5.36 -24.68 -32.08
C SER A 114 -4.65 -23.50 -31.40
N HIS A 115 -5.28 -22.33 -31.40
CA HIS A 115 -4.86 -21.19 -30.58
C HIS A 115 -4.94 -21.59 -29.12
N TRP A 116 -4.03 -21.08 -28.31
CA TRP A 116 -4.05 -21.32 -26.87
C TRP A 116 -5.41 -21.03 -26.24
N VAL A 117 -6.06 -19.94 -26.64
CA VAL A 117 -7.37 -19.55 -26.05
C VAL A 117 -8.50 -20.54 -26.27
N ASP A 118 -8.40 -21.37 -27.31
CA ASP A 118 -9.41 -22.38 -27.69
C ASP A 118 -9.26 -23.73 -26.98
N ASP A 119 -8.11 -23.94 -26.34
CA ASP A 119 -7.83 -25.13 -25.54
C ASP A 119 -8.51 -24.99 -24.18
N ASP A 120 -9.08 -26.10 -23.73
CA ASP A 120 -9.64 -26.23 -22.39
C ASP A 120 -8.53 -25.94 -21.39
N CYS A 121 -8.86 -25.35 -20.25
CA CYS A 121 -7.75 -25.31 -19.32
C CYS A 121 -7.53 -26.56 -18.54
N GLU A 122 -6.27 -26.87 -18.30
CA GLU A 122 -5.92 -28.11 -17.65
C GLU A 122 -5.00 -27.65 -16.58
N GLU A 123 -5.27 -28.06 -15.36
CA GLU A 123 -4.40 -27.77 -14.21
C GLU A 123 -2.93 -28.01 -14.53
N ILE A 124 -2.07 -27.07 -14.16
CA ILE A 124 -0.65 -27.24 -14.36
C ILE A 124 -0.08 -27.57 -12.98
N LYS A 125 0.00 -28.86 -12.69
CA LYS A 125 0.46 -29.34 -11.40
C LYS A 125 1.95 -29.23 -11.22
N VAL A 126 2.73 -29.44 -12.29
CA VAL A 126 4.20 -29.31 -12.21
C VAL A 126 4.67 -28.52 -13.43
N PRO A 127 5.83 -27.84 -13.35
CA PRO A 127 6.31 -27.21 -14.59
C PRO A 127 6.63 -28.25 -15.64
N GLU A 128 6.12 -28.05 -16.87
CA GLU A 128 6.40 -28.97 -17.98
C GLU A 128 7.29 -28.18 -18.94
N CYS A 129 8.61 -28.29 -18.75
CA CYS A 129 9.57 -27.41 -19.43
C CYS A 129 10.48 -28.23 -20.35
N PRO A 130 10.99 -27.60 -21.45
CA PRO A 130 12.07 -28.21 -22.25
C PRO A 130 13.33 -28.49 -21.44
N ALA A 131 14.12 -29.45 -21.92
CA ALA A 131 15.36 -29.81 -21.26
C ALA A 131 16.29 -28.61 -21.28
N GLY A 132 17.02 -28.44 -20.19
CA GLY A 132 17.91 -27.30 -20.10
C GLY A 132 17.31 -26.10 -19.37
N PHE A 133 16.00 -26.06 -19.18
CA PHE A 133 15.39 -25.04 -18.32
C PHE A 133 15.59 -25.38 -16.84
N VAL A 134 16.33 -24.54 -16.10
CA VAL A 134 16.63 -24.74 -14.65
C VAL A 134 15.48 -24.33 -13.69
N ARG A 135 14.56 -23.50 -14.17
CA ARG A 135 13.48 -22.94 -13.36
C ARG A 135 12.43 -22.42 -14.34
N PRO A 136 11.14 -22.45 -13.96
CA PRO A 136 10.12 -21.86 -14.85
C PRO A 136 10.39 -20.34 -15.03
N PRO A 137 10.40 -19.87 -16.28
CA PRO A 137 10.61 -18.43 -16.50
C PRO A 137 9.40 -17.63 -15.97
N LEU A 138 9.65 -16.38 -15.58
CA LEU A 138 8.58 -15.46 -15.25
C LEU A 138 8.40 -14.37 -16.33
N ILE A 139 7.16 -14.21 -16.82
CA ILE A 139 6.82 -13.08 -17.72
C ILE A 139 5.80 -12.15 -17.05
N ILE A 140 6.23 -10.91 -16.86
CA ILE A 140 5.38 -9.85 -16.35
C ILE A 140 4.80 -9.05 -17.53
N PHE A 141 3.49 -9.17 -17.67
CA PHE A 141 2.78 -8.51 -18.75
C PHE A 141 2.05 -7.33 -18.09
N SER A 142 2.65 -6.14 -18.16
CA SER A 142 2.05 -5.02 -17.45
C SER A 142 1.30 -4.11 -18.39
N VAL A 143 0.11 -3.72 -17.94
CA VAL A 143 -0.78 -2.90 -18.77
C VAL A 143 -1.05 -1.57 -18.05
N ASP A 144 -0.68 -0.46 -18.66
CA ASP A 144 -0.96 0.88 -18.12
C ASP A 144 -2.47 1.20 -18.12
N GLY A 145 -2.97 1.69 -16.97
CA GLY A 145 -4.34 2.19 -16.89
C GLY A 145 -5.43 1.14 -16.93
N PHE A 146 -5.08 -0.12 -16.67
CA PHE A 146 -6.04 -1.19 -16.72
C PHE A 146 -6.82 -1.24 -15.42
N ARG A 147 -7.95 -0.56 -15.45
CA ARG A 147 -8.85 -0.49 -14.32
C ARG A 147 -9.46 -1.84 -13.92
N ALA A 148 -9.55 -2.12 -12.62
CA ALA A 148 -10.00 -3.44 -12.13
C ALA A 148 -11.31 -3.89 -12.75
N SER A 149 -12.27 -2.99 -12.94
CA SER A 149 -13.60 -3.43 -13.46
C SER A 149 -13.60 -3.75 -14.96
N TYR A 150 -12.51 -3.45 -15.67
CA TYR A 150 -12.39 -3.92 -17.05
C TYR A 150 -12.49 -5.42 -17.13
N MET A 151 -11.99 -6.14 -16.12
CA MET A 151 -12.07 -7.62 -16.14
C MET A 151 -13.48 -8.15 -16.35
N LYS A 152 -14.44 -7.51 -15.69
CA LYS A 152 -15.84 -7.91 -15.85
C LYS A 152 -16.47 -7.19 -17.04
N LYS A 153 -16.28 -5.87 -17.10
CA LYS A 153 -16.98 -5.04 -18.07
C LYS A 153 -16.47 -5.24 -19.51
N GLY A 154 -15.23 -5.62 -19.68
CA GLY A 154 -14.69 -5.89 -21.00
C GLY A 154 -14.54 -7.37 -21.32
N SER A 155 -15.12 -8.26 -20.49
CA SER A 155 -14.93 -9.72 -20.60
C SER A 155 -15.27 -10.31 -21.94
N LYS A 156 -16.26 -9.73 -22.62
CA LYS A 156 -16.70 -10.21 -23.95
C LYS A 156 -15.66 -10.01 -25.02
N VAL A 157 -14.78 -9.04 -24.86
CA VAL A 157 -13.82 -8.78 -25.92
C VAL A 157 -12.39 -9.17 -25.52
N MET A 158 -12.25 -9.83 -24.36
CA MET A 158 -10.90 -10.21 -23.91
C MET A 158 -10.79 -11.73 -23.62
N PRO A 159 -11.01 -12.59 -24.64
CA PRO A 159 -11.05 -14.04 -24.33
C PRO A 159 -9.71 -14.60 -23.79
N ASN A 160 -8.57 -14.13 -24.30
CA ASN A 160 -7.29 -14.63 -23.80
C ASN A 160 -7.08 -14.25 -22.33
N ILE A 161 -7.33 -12.97 -22.02
CA ILE A 161 -7.17 -12.45 -20.66
C ILE A 161 -8.10 -13.16 -19.68
N GLU A 162 -9.33 -13.42 -20.14
CA GLU A 162 -10.34 -14.06 -19.32
C GLU A 162 -10.00 -15.48 -19.02
N LYS A 163 -9.30 -16.12 -19.95
CA LYS A 163 -8.89 -17.52 -19.75
C LYS A 163 -7.73 -17.53 -18.71
N LEU A 164 -6.78 -16.62 -18.85
CA LEU A 164 -5.72 -16.49 -17.81
C LEU A 164 -6.35 -16.34 -16.43
N ARG A 165 -7.31 -15.44 -16.39
CA ARG A 165 -7.96 -15.05 -15.15
C ARG A 165 -8.74 -16.19 -14.51
N SER A 166 -9.59 -16.88 -15.27
CA SER A 166 -10.39 -17.92 -14.62
C SER A 166 -9.65 -19.22 -14.43
N CYS A 167 -8.58 -19.45 -15.19
CA CYS A 167 -7.85 -20.71 -15.03
CA CYS A 167 -7.80 -20.69 -15.08
C CYS A 167 -6.70 -20.59 -14.04
N GLY A 168 -6.17 -19.36 -13.86
CA GLY A 168 -5.07 -19.15 -12.96
C GLY A 168 -5.56 -18.72 -11.60
N THR A 169 -4.76 -17.85 -10.99
CA THR A 169 -5.07 -17.24 -9.72
C THR A 169 -5.39 -15.76 -9.99
N HIS A 170 -6.50 -15.25 -9.47
CA HIS A 170 -6.78 -13.82 -9.70
C HIS A 170 -7.31 -13.11 -8.40
N ALA A 171 -7.05 -11.82 -8.30
CA ALA A 171 -7.68 -11.00 -7.26
C ALA A 171 -8.82 -10.19 -7.96
N PRO A 172 -9.90 -9.86 -7.23
CA PRO A 172 -10.95 -9.00 -7.83
C PRO A 172 -10.38 -7.62 -8.19
N TYR A 173 -9.36 -7.15 -7.45
CA TYR A 173 -8.53 -6.02 -7.83
C TYR A 173 -7.27 -5.99 -7.02
N MET A 174 -6.34 -5.16 -7.46
CA MET A 174 -5.10 -4.97 -6.74
C MET A 174 -5.00 -3.48 -6.44
N ARG A 175 -4.63 -3.17 -5.20
CA ARG A 175 -4.47 -1.77 -4.77
C ARG A 175 -3.11 -1.20 -5.18
N PRO A 176 -3.13 -0.12 -5.98
CA PRO A 176 -1.87 0.60 -6.32
C PRO A 176 -1.36 1.38 -5.12
N VAL A 177 -0.21 2.02 -5.26
CA VAL A 177 0.30 2.95 -4.27
C VAL A 177 -0.08 4.38 -4.68
N TYR A 178 -0.05 5.28 -3.71
CA TYR A 178 -0.24 6.70 -3.95
C TYR A 178 1.09 7.39 -4.28
N PRO A 179 1.15 8.32 -5.25
CA PRO A 179 0.03 8.67 -6.13
C PRO A 179 -0.19 7.61 -7.20
N THR A 180 -1.43 7.46 -7.65
CA THR A 180 -1.75 6.38 -8.56
C THR A 180 -1.42 6.81 -10.01
N LYS A 181 -0.14 7.10 -10.19
CA LYS A 181 0.47 7.42 -11.46
C LYS A 181 1.37 6.24 -11.88
N THR A 182 1.79 6.26 -13.16
CA THR A 182 2.49 5.16 -13.79
C THR A 182 3.89 4.93 -13.20
N PHE A 183 4.74 5.97 -13.15
CA PHE A 183 6.09 5.78 -12.68
C PHE A 183 6.21 5.30 -11.23
N PRO A 184 5.46 5.93 -10.31
CA PRO A 184 5.54 5.46 -8.92
C PRO A 184 5.05 4.02 -8.79
N ASN A 185 3.97 3.69 -9.49
CA ASN A 185 3.47 2.31 -9.45
C ASN A 185 4.33 1.24 -10.12
N LEU A 186 4.88 1.52 -11.30
CA LEU A 186 5.75 0.49 -11.93
C LEU A 186 7.02 0.31 -11.12
N TYR A 187 7.57 1.39 -10.57
CA TYR A 187 8.76 1.24 -9.77
C TYR A 187 8.50 0.60 -8.38
N THR A 188 7.28 0.78 -7.85
CA THR A 188 6.80 0.01 -6.65
C THR A 188 6.65 -1.48 -7.00
N LEU A 189 6.04 -1.79 -8.16
CA LEU A 189 5.99 -3.20 -8.58
C LEU A 189 7.39 -3.83 -8.61
N ALA A 190 8.35 -3.09 -9.17
CA ALA A 190 9.67 -3.60 -9.38
C ALA A 190 10.46 -3.73 -8.08
N THR A 191 10.13 -2.97 -7.04
CA THR A 191 10.99 -2.89 -5.85
C THR A 191 10.37 -3.38 -4.52
N GLY A 192 9.05 -3.46 -4.45
CA GLY A 192 8.34 -3.71 -3.20
C GLY A 192 8.33 -2.50 -2.27
N LEU A 193 8.72 -1.31 -2.75
CA LEU A 193 8.86 -0.17 -1.86
C LEU A 193 7.78 0.85 -2.07
N TYR A 194 7.36 1.51 -1.00
CA TYR A 194 6.60 2.78 -1.12
C TYR A 194 7.36 3.83 -1.98
N PRO A 195 6.68 4.61 -2.81
CA PRO A 195 7.37 5.73 -3.51
C PRO A 195 8.26 6.60 -2.62
N GLU A 196 7.83 6.88 -1.39
CA GLU A 196 8.69 7.61 -0.44
C GLU A 196 10.06 6.98 -0.22
N SER A 197 10.17 5.64 -0.30
CA SER A 197 11.45 4.98 -0.09
C SER A 197 12.18 4.70 -1.41
N HIS A 198 11.44 4.43 -2.50
CA HIS A 198 12.14 4.23 -3.75
C HIS A 198 12.53 5.55 -4.44
N GLY A 199 11.82 6.63 -4.10
CA GLY A 199 12.20 7.95 -4.57
C GLY A 199 11.42 8.47 -5.76
N ILE A 200 10.68 7.60 -6.44
CA ILE A 200 9.89 8.06 -7.56
C ILE A 200 8.49 8.41 -7.03
N VAL A 201 8.35 9.65 -6.56
CA VAL A 201 7.20 10.04 -5.73
C VAL A 201 6.14 10.69 -6.58
N GLY A 202 6.42 10.85 -7.87
CA GLY A 202 5.42 11.33 -8.81
C GLY A 202 5.88 11.07 -10.23
N ASN A 203 5.04 11.44 -11.19
CA ASN A 203 5.49 11.51 -12.58
C ASN A 203 6.36 12.74 -12.82
N SER A 204 6.32 13.70 -11.88
CA SER A 204 7.08 14.95 -11.96
C SER A 204 7.72 15.26 -10.59
N MET A 205 9.03 15.57 -10.52
CA MET A 205 9.66 15.85 -9.20
C MET A 205 10.80 16.87 -9.22
N TYR A 206 10.97 17.58 -8.11
CA TYR A 206 12.12 18.44 -7.92
C TYR A 206 12.87 17.87 -6.73
N ASP A 207 14.16 17.60 -6.89
CA ASP A 207 14.96 17.16 -5.77
C ASP A 207 15.87 18.34 -5.32
N PRO A 208 15.56 18.96 -4.17
CA PRO A 208 16.32 20.14 -3.75
C PRO A 208 17.79 19.89 -3.46
N VAL A 209 18.19 18.65 -3.15
CA VAL A 209 19.59 18.34 -2.84
C VAL A 209 20.42 18.28 -4.12
N PHE A 210 19.84 17.67 -5.15
CA PHE A 210 20.43 17.65 -6.47
C PHE A 210 20.28 19.01 -7.15
N ASP A 211 19.25 19.77 -6.77
CA ASP A 211 18.73 20.87 -7.59
C ASP A 211 18.50 20.34 -9.03
N ALA A 212 17.76 19.26 -9.15
CA ALA A 212 17.37 18.75 -10.48
C ALA A 212 15.88 18.44 -10.53
N SER A 213 15.32 18.49 -11.73
CA SER A 213 13.90 18.19 -11.95
C SER A 213 13.73 16.93 -12.80
N PHE A 214 12.76 16.09 -12.45
CA PHE A 214 12.45 14.83 -13.13
C PHE A 214 11.12 15.02 -13.83
N HIS A 215 11.05 14.69 -15.13
CA HIS A 215 9.78 14.78 -15.89
C HIS A 215 9.58 13.56 -16.78
N LEU A 216 8.34 13.35 -17.22
CA LEU A 216 7.97 12.29 -18.18
C LEU A 216 8.79 12.40 -19.45
N ARG A 217 8.67 13.56 -20.09
CA ARG A 217 9.44 13.93 -21.26
C ARG A 217 10.84 14.28 -20.79
N GLY A 218 11.85 13.78 -21.49
CA GLY A 218 13.18 14.30 -21.35
C GLY A 218 14.16 13.30 -20.82
N ARG A 219 15.36 13.81 -20.57
CA ARG A 219 16.54 13.00 -20.34
C ARG A 219 16.91 12.84 -18.85
N GLU A 220 16.56 13.81 -18.00
CA GLU A 220 16.91 13.77 -16.55
C GLU A 220 16.42 12.45 -15.85
N LYS A 221 15.20 12.01 -16.18
CA LYS A 221 14.64 10.75 -15.68
C LYS A 221 15.54 9.49 -15.93
N PHE A 222 16.42 9.53 -16.93
CA PHE A 222 17.38 8.42 -17.20
C PHE A 222 18.55 8.38 -16.24
N ASN A 223 18.78 9.47 -15.52
CA ASN A 223 19.85 9.50 -14.53
C ASN A 223 19.55 8.55 -13.36
N HIS A 224 20.53 7.74 -12.99
CA HIS A 224 20.42 6.70 -11.96
C HIS A 224 20.07 7.19 -10.54
N ARG A 225 20.40 8.43 -10.21
CA ARG A 225 20.19 8.92 -8.84
C ARG A 225 18.70 9.12 -8.44
N TRP A 226 17.78 9.08 -9.42
CA TRP A 226 16.37 9.13 -9.10
C TRP A 226 15.85 7.84 -8.48
N TRP A 227 16.45 6.72 -8.88
CA TRP A 227 15.87 5.41 -8.77
C TRP A 227 16.48 4.69 -7.58
N GLY A 228 15.75 4.64 -6.47
CA GLY A 228 16.31 4.03 -5.24
C GLY A 228 15.89 2.56 -5.12
N GLY A 229 16.26 1.96 -4.00
CA GLY A 229 15.90 0.57 -3.73
C GLY A 229 16.60 -0.37 -4.69
N GLN A 230 16.06 -1.57 -4.86
CA GLN A 230 16.69 -2.54 -5.70
C GLN A 230 15.63 -3.28 -6.52
N PRO A 231 15.45 -2.84 -7.77
CA PRO A 231 14.45 -3.43 -8.68
C PRO A 231 14.73 -4.89 -9.02
N LEU A 232 13.66 -5.63 -9.35
CA LEU A 232 13.71 -7.05 -9.57
C LEU A 232 14.83 -7.49 -10.52
N TRP A 233 15.05 -6.74 -11.62
CA TRP A 233 16.05 -7.16 -12.61
C TRP A 233 17.45 -7.09 -12.01
N ILE A 234 17.68 -6.19 -11.05
CA ILE A 234 18.99 -6.10 -10.34
C ILE A 234 19.09 -7.19 -9.29
N THR A 235 17.99 -7.45 -8.60
CA THR A 235 17.96 -8.52 -7.59
C THR A 235 18.27 -9.90 -8.26
N ALA A 236 17.68 -10.10 -9.45
CA ALA A 236 17.92 -11.31 -10.22
C ALA A 236 19.40 -11.40 -10.65
N THR A 237 19.90 -10.34 -11.29
CA THR A 237 21.26 -10.32 -11.81
C THR A 237 22.30 -10.58 -10.73
N LYS A 238 22.20 -9.89 -9.60
CA LYS A 238 23.12 -10.11 -8.47
C LYS A 238 23.14 -11.53 -7.95
N GLN A 239 22.04 -12.26 -8.12
CA GLN A 239 21.95 -13.62 -7.61
C GLN A 239 22.00 -14.62 -8.72
N GLY A 240 22.48 -14.21 -9.87
CA GLY A 240 22.83 -15.13 -10.93
C GLY A 240 21.66 -15.54 -11.80
N VAL A 241 20.54 -14.82 -11.71
CA VAL A 241 19.40 -15.06 -12.58
C VAL A 241 19.41 -13.97 -13.64
N ARG A 242 19.41 -14.36 -14.91
CA ARG A 242 19.47 -13.42 -16.03
C ARG A 242 18.10 -12.77 -16.32
N ALA A 243 18.13 -11.49 -16.64
CA ALA A 243 16.91 -10.77 -16.88
C ALA A 243 16.85 -10.23 -18.31
N GLY A 244 15.69 -10.35 -18.96
CA GLY A 244 15.33 -9.57 -20.17
C GLY A 244 15.38 -8.08 -19.83
N THR A 245 15.53 -7.20 -20.81
CA THR A 245 15.61 -5.79 -20.43
C THR A 245 14.17 -5.34 -20.31
N PHE A 246 13.85 -4.72 -19.17
CA PHE A 246 12.47 -4.48 -18.78
C PHE A 246 11.77 -3.42 -19.61
N PHE A 247 12.51 -2.39 -19.99
CA PHE A 247 11.98 -1.17 -20.60
C PHE A 247 11.95 -1.22 -22.15
N TRP A 248 10.84 -0.79 -22.77
CA TRP A 248 10.68 -0.82 -24.24
C TRP A 248 10.55 0.59 -24.80
N SER A 249 11.28 0.92 -25.87
CA SER A 249 11.10 2.24 -26.51
C SER A 249 9.74 2.34 -27.17
N VAL A 250 9.11 3.51 -27.06
CA VAL A 250 7.68 3.70 -27.45
C VAL A 250 7.38 3.31 -28.91
N SER A 251 8.35 3.52 -29.80
CA SER A 251 8.16 3.26 -31.22
C SER A 251 8.24 1.78 -31.57
N ILE A 252 8.80 0.94 -30.69
CA ILE A 252 8.82 -0.52 -30.91
C ILE A 252 7.40 -1.06 -30.76
N PRO A 253 6.77 -1.56 -31.86
CA PRO A 253 5.36 -1.98 -31.71
C PRO A 253 5.18 -3.22 -30.84
N HIS A 254 3.98 -3.41 -30.31
CA HIS A 254 3.69 -4.52 -29.38
C HIS A 254 4.09 -5.88 -29.93
N GLU A 255 3.82 -6.11 -31.21
CA GLU A 255 4.11 -7.39 -31.86
C GLU A 255 5.58 -7.72 -31.85
N ARG A 256 6.39 -6.69 -31.99
CA ARG A 256 7.83 -6.87 -32.04
C ARG A 256 8.36 -7.13 -30.63
N ARG A 257 7.73 -6.52 -29.62
CA ARG A 257 8.11 -6.78 -28.23
C ARG A 257 7.90 -8.27 -27.92
N ILE A 258 6.73 -8.78 -28.28
CA ILE A 258 6.37 -10.18 -28.06
C ILE A 258 7.35 -11.10 -28.77
N LEU A 259 7.58 -10.87 -30.07
CA LEU A 259 8.54 -11.66 -30.83
C LEU A 259 9.97 -11.59 -30.23
N THR A 260 10.37 -10.44 -29.72
CA THR A 260 11.68 -10.32 -29.09
C THR A 260 11.74 -11.21 -27.82
N ILE A 261 10.70 -11.15 -26.99
CA ILE A 261 10.67 -11.99 -25.78
C ILE A 261 10.76 -13.44 -26.20
N LEU A 262 10.01 -13.80 -27.24
CA LEU A 262 9.96 -15.18 -27.69
C LEU A 262 11.30 -15.64 -28.29
N GLN A 263 12.00 -14.75 -28.99
CA GLN A 263 13.34 -15.06 -29.48
C GLN A 263 14.31 -15.29 -28.33
N TRP A 264 14.23 -14.43 -27.31
CA TRP A 264 15.09 -14.54 -26.14
C TRP A 264 14.88 -15.86 -25.45
N LEU A 265 13.62 -16.29 -25.39
CA LEU A 265 13.30 -17.62 -24.88
C LEU A 265 13.87 -18.80 -25.68
N SER A 266 14.36 -18.57 -26.89
CA SER A 266 14.97 -19.62 -27.70
C SER A 266 16.48 -19.58 -27.60
N LEU A 267 17.05 -18.64 -26.84
CA LEU A 267 18.48 -18.63 -26.66
C LEU A 267 19.00 -19.95 -25.99
N PRO A 268 20.29 -20.27 -26.16
CA PRO A 268 20.94 -21.33 -25.36
C PRO A 268 20.83 -21.08 -23.86
N ASP A 269 20.78 -22.19 -23.11
CA ASP A 269 20.64 -22.20 -21.65
C ASP A 269 21.49 -21.21 -20.87
N ASN A 270 22.76 -21.13 -21.20
CA ASN A 270 23.69 -20.25 -20.53
C ASN A 270 23.40 -18.76 -20.83
N GLU A 271 22.64 -18.48 -21.88
CA GLU A 271 22.40 -17.08 -22.31
C GLU A 271 20.97 -16.58 -22.08
N ARG A 272 20.01 -17.51 -21.99
CA ARG A 272 18.59 -17.23 -21.88
C ARG A 272 18.16 -16.57 -20.58
N PRO A 273 17.46 -15.41 -20.62
CA PRO A 273 17.00 -14.90 -19.34
C PRO A 273 15.90 -15.75 -18.72
N SER A 274 15.78 -15.64 -17.41
CA SER A 274 14.68 -16.26 -16.68
C SER A 274 13.52 -15.31 -16.38
N VAL A 275 13.71 -14.00 -16.45
CA VAL A 275 12.62 -13.10 -16.15
C VAL A 275 12.54 -12.07 -17.28
N TYR A 276 11.30 -11.72 -17.64
CA TYR A 276 10.98 -10.82 -18.76
C TYR A 276 9.85 -9.89 -18.37
N ALA A 277 9.85 -8.72 -19.01
CA ALA A 277 8.74 -7.79 -18.90
C ALA A 277 8.24 -7.35 -20.25
N PHE A 278 6.92 -7.28 -20.37
CA PHE A 278 6.29 -6.61 -21.50
C PHE A 278 5.52 -5.43 -20.95
N TYR A 279 5.50 -4.29 -21.64
CA TYR A 279 4.68 -3.16 -21.21
C TYR A 279 3.78 -2.69 -22.34
N SER A 280 2.53 -2.43 -21.98
CA SER A 280 1.58 -1.78 -22.88
C SER A 280 1.14 -0.38 -22.39
N GLU A 281 1.29 0.61 -23.26
N GLU A 281 1.27 0.63 -23.25
CA GLU A 281 0.79 1.98 -23.07
CA GLU A 281 0.76 1.99 -22.99
C GLU A 281 -0.75 2.08 -23.04
C GLU A 281 -0.77 2.08 -22.99
N GLN A 282 -1.42 1.02 -23.48
CA GLN A 282 -2.85 0.91 -23.52
C GLN A 282 -3.33 0.01 -22.33
N PRO A 283 -4.53 0.21 -21.80
CA PRO A 283 -5.54 1.14 -22.32
C PRO A 283 -5.41 2.60 -21.78
N ASP A 284 -4.37 2.89 -21.00
CA ASP A 284 -4.19 4.21 -20.40
C ASP A 284 -4.25 5.35 -21.44
N PHE A 285 -3.52 5.16 -22.54
CA PHE A 285 -3.38 6.17 -23.55
C PHE A 285 -4.75 6.58 -24.09
N SER A 286 -5.58 5.61 -24.46
CA SER A 286 -6.91 5.92 -24.89
C SER A 286 -7.83 6.41 -23.75
N GLY A 287 -7.63 5.88 -22.54
CA GLY A 287 -8.47 6.27 -21.37
C GLY A 287 -8.35 7.75 -21.03
N HIS A 288 -7.16 8.31 -21.19
CA HIS A 288 -6.98 9.73 -20.97
C HIS A 288 -7.85 10.53 -21.98
N LYS A 289 -7.95 10.02 -23.21
CA LYS A 289 -8.64 10.75 -24.26
C LYS A 289 -10.13 10.57 -24.20
N TYR A 290 -10.59 9.38 -23.86
CA TYR A 290 -12.02 9.06 -23.98
C TYR A 290 -12.70 8.71 -22.69
N GLY A 291 -11.97 8.71 -21.57
CA GLY A 291 -12.57 8.30 -20.30
C GLY A 291 -12.54 6.80 -20.10
N PRO A 292 -12.69 6.34 -18.84
CA PRO A 292 -12.47 4.90 -18.60
C PRO A 292 -13.39 3.99 -19.39
N PHE A 293 -14.63 4.41 -19.63
CA PHE A 293 -15.62 3.57 -20.33
C PHE A 293 -16.15 4.15 -21.62
N GLY A 294 -15.42 5.11 -22.17
CA GLY A 294 -15.74 5.64 -23.49
C GLY A 294 -15.92 4.52 -24.51
N PRO A 295 -16.86 4.68 -25.48
CA PRO A 295 -17.05 3.66 -26.53
C PRO A 295 -15.75 3.34 -27.29
N GLU A 296 -14.87 4.33 -27.39
CA GLU A 296 -13.55 4.11 -28.00
C GLU A 296 -12.64 3.18 -27.18
N MET A 297 -13.08 2.75 -26.00
CA MET A 297 -12.22 1.91 -25.13
C MET A 297 -12.24 0.43 -25.49
N THR A 298 -13.26 -0.02 -26.21
CA THR A 298 -13.38 -1.44 -26.58
C THR A 298 -12.21 -1.92 -27.44
N ASN A 299 -11.86 -1.13 -28.45
CA ASN A 299 -10.78 -1.47 -29.37
C ASN A 299 -9.43 -1.66 -28.69
N PRO A 300 -8.99 -0.69 -27.87
CA PRO A 300 -7.73 -0.91 -27.11
C PRO A 300 -7.76 -2.20 -26.25
N LEU A 301 -8.92 -2.55 -25.67
CA LEU A 301 -9.06 -3.77 -24.90
C LEU A 301 -8.94 -5.01 -25.77
N ARG A 302 -9.53 -4.98 -26.97
CA ARG A 302 -9.42 -6.08 -27.95
C ARG A 302 -7.96 -6.27 -28.35
N GLU A 303 -7.28 -5.16 -28.58
CA GLU A 303 -5.91 -5.21 -29.07
C GLU A 303 -4.97 -5.76 -27.97
N ILE A 304 -5.13 -5.31 -26.73
CA ILE A 304 -4.36 -5.93 -25.63
C ILE A 304 -4.63 -7.45 -25.56
N ASP A 305 -5.90 -7.84 -25.64
CA ASP A 305 -6.19 -9.26 -25.63
C ASP A 305 -5.50 -10.03 -26.77
N LYS A 306 -5.45 -9.43 -27.94
CA LYS A 306 -4.79 -10.05 -29.09
C LYS A 306 -3.31 -10.23 -28.81
N THR A 307 -2.66 -9.24 -28.20
CA THR A 307 -1.26 -9.36 -27.79
C THR A 307 -0.99 -10.52 -26.82
N VAL A 308 -1.88 -10.70 -25.84
CA VAL A 308 -1.81 -11.78 -24.86
C VAL A 308 -1.93 -13.09 -25.65
N GLY A 309 -2.94 -13.18 -26.52
CA GLY A 309 -3.08 -14.26 -27.50
C GLY A 309 -1.78 -14.58 -28.26
N GLN A 310 -1.11 -13.54 -28.75
CA GLN A 310 0.13 -13.75 -29.49
C GLN A 310 1.23 -14.37 -28.58
N LEU A 311 1.37 -13.84 -27.37
CA LEU A 311 2.31 -14.40 -26.41
C LEU A 311 2.00 -15.86 -26.08
N MET A 312 0.76 -16.17 -25.74
CA MET A 312 0.41 -17.53 -25.33
C MET A 312 0.53 -18.54 -26.50
N ASP A 313 0.20 -18.11 -27.70
CA ASP A 313 0.39 -19.01 -28.87
C ASP A 313 1.87 -19.22 -29.11
N GLY A 314 2.66 -18.17 -28.94
CA GLY A 314 4.08 -18.26 -29.13
C GLY A 314 4.74 -19.15 -28.09
N LEU A 315 4.24 -19.10 -26.85
CA LEU A 315 4.78 -19.96 -25.80
C LEU A 315 4.36 -21.39 -26.12
N LYS A 316 3.12 -21.59 -26.55
CA LYS A 316 2.66 -22.94 -26.87
C LYS A 316 3.56 -23.54 -27.98
N GLN A 317 3.85 -22.79 -29.03
CA GLN A 317 4.81 -23.21 -30.09
C GLN A 317 6.14 -23.67 -29.53
N LEU A 318 6.63 -22.96 -28.52
CA LEU A 318 7.91 -23.30 -27.96
C LEU A 318 7.77 -24.35 -26.85
N ARG A 319 6.58 -24.95 -26.71
CA ARG A 319 6.29 -25.90 -25.62
C ARG A 319 6.59 -25.26 -24.27
N LEU A 320 6.23 -23.97 -24.13
CA LEU A 320 6.50 -23.24 -22.89
C LEU A 320 5.25 -22.84 -22.14
N HIS A 321 4.08 -23.18 -22.67
CA HIS A 321 2.81 -22.67 -22.12
C HIS A 321 2.38 -23.36 -20.82
N ARG A 322 3.05 -24.45 -20.46
CA ARG A 322 2.78 -25.13 -19.18
C ARG A 322 4.07 -25.10 -18.36
N CYS A 323 4.93 -24.15 -18.69
CA CYS A 323 6.22 -24.03 -18.05
C CYS A 323 6.40 -22.60 -17.47
N VAL A 324 5.99 -21.58 -18.22
CA VAL A 324 6.17 -20.16 -17.84
C VAL A 324 5.14 -19.68 -16.81
N ASN A 325 5.60 -18.96 -15.78
CA ASN A 325 4.64 -18.22 -14.96
C ASN A 325 4.41 -16.85 -15.60
N VAL A 326 3.13 -16.52 -15.79
CA VAL A 326 2.75 -15.26 -16.44
C VAL A 326 2.03 -14.42 -15.38
N ILE A 327 2.47 -13.18 -15.22
CA ILE A 327 1.76 -12.24 -14.37
C ILE A 327 1.17 -11.15 -15.25
N PHE A 328 -0.12 -10.98 -15.14
CA PHE A 328 -0.85 -9.93 -15.87
C PHE A 328 -1.28 -8.92 -14.80
N VAL A 329 -0.67 -7.75 -14.87
CA VAL A 329 -0.76 -6.79 -13.79
C VAL A 329 -0.91 -5.39 -14.36
N GLY A 330 -1.75 -4.59 -13.70
CA GLY A 330 -1.89 -3.18 -14.05
C GLY A 330 -1.12 -2.28 -13.09
N ASP A 331 -0.91 -1.03 -13.49
CA ASP A 331 -0.29 -0.08 -12.58
C ASP A 331 -1.29 0.80 -11.79
N HIS A 332 -2.46 1.09 -12.35
CA HIS A 332 -3.48 1.98 -11.71
C HIS A 332 -4.69 1.90 -12.63
N GLY A 333 -5.84 2.41 -12.15
CA GLY A 333 -7.03 2.48 -12.94
C GLY A 333 -7.08 3.83 -13.67
N MET A 334 -8.31 4.29 -13.91
CA MET A 334 -8.63 5.47 -14.71
C MET A 334 -10.01 5.94 -14.26
N GLU A 335 -10.15 7.27 -14.09
CA GLU A 335 -11.36 7.90 -13.61
C GLU A 335 -11.81 8.94 -14.67
N ASP A 336 -13.10 9.31 -14.64
CA ASP A 336 -13.64 10.39 -15.50
C ASP A 336 -13.25 11.71 -14.91
N VAL A 337 -12.52 12.50 -15.69
CA VAL A 337 -11.98 13.78 -15.25
C VAL A 337 -12.06 14.64 -16.50
N THR A 338 -12.63 15.85 -16.36
CA THR A 338 -12.72 16.83 -17.48
C THR A 338 -12.26 18.21 -17.03
N CYS A 339 -11.84 19.02 -18.02
CA CYS A 339 -11.30 20.40 -17.86
C CYS A 339 -12.16 21.29 -16.99
N ASP A 340 -13.47 21.15 -17.09
CA ASP A 340 -14.36 21.98 -16.32
C ASP A 340 -14.39 21.62 -14.84
N ARG A 341 -13.88 20.43 -14.47
CA ARG A 341 -13.81 20.07 -13.04
C ARG A 341 -12.39 20.31 -12.56
N THR A 342 -12.01 21.59 -12.60
CA THR A 342 -10.73 22.03 -12.13
C THR A 342 -10.96 23.12 -11.08
N GLU A 343 -10.31 22.99 -9.94
CA GLU A 343 -10.25 24.03 -8.93
C GLU A 343 -9.02 24.85 -9.21
N PHE A 344 -9.12 26.17 -9.06
CA PHE A 344 -7.97 27.03 -9.30
C PHE A 344 -7.46 27.65 -8.04
N LEU A 345 -6.16 27.47 -7.76
CA LEU A 345 -5.59 28.08 -6.59
C LEU A 345 -5.75 29.61 -6.60
N SER A 346 -5.89 30.20 -7.78
CA SER A 346 -6.05 31.65 -7.94
C SER A 346 -7.42 32.12 -7.39
N ASN A 347 -8.34 31.18 -7.15
CA ASN A 347 -9.57 31.49 -6.42
C ASN A 347 -9.47 31.45 -4.88
N TYR A 348 -8.27 31.21 -4.37
CA TYR A 348 -8.10 31.06 -2.93
C TYR A 348 -6.97 31.92 -2.45
N LEU A 349 -5.88 31.94 -3.20
CA LEU A 349 -4.67 32.61 -2.75
C LEU A 349 -4.60 34.00 -3.38
N THR A 350 -4.02 34.96 -2.68
CA THR A 350 -3.74 36.28 -3.29
C THR A 350 -2.35 36.22 -3.95
N ASN A 351 -1.38 35.70 -3.18
CA ASN A 351 0.02 35.44 -3.57
C ASN A 351 0.30 34.30 -4.59
N VAL A 352 -0.65 33.99 -5.47
CA VAL A 352 -0.48 32.84 -6.40
C VAL A 352 0.84 32.77 -7.19
N ASP A 353 1.47 33.92 -7.43
CA ASP A 353 2.75 33.96 -8.16
C ASP A 353 3.99 33.64 -7.35
N ASP A 354 3.84 33.52 -6.03
CA ASP A 354 4.94 33.18 -5.14
C ASP A 354 5.04 31.67 -4.92
N ILE A 355 4.14 30.92 -5.55
CA ILE A 355 4.13 29.45 -5.40
C ILE A 355 4.40 28.71 -6.71
N THR A 356 5.03 27.54 -6.57
CA THR A 356 5.13 26.51 -7.60
C THR A 356 4.16 25.40 -7.20
N LEU A 357 3.31 25.01 -8.12
CA LEU A 357 2.39 23.89 -7.91
C LEU A 357 2.70 22.73 -8.86
N VAL A 358 2.93 21.53 -8.31
CA VAL A 358 2.76 20.30 -9.11
C VAL A 358 1.24 20.00 -9.20
N PRO A 359 0.66 20.11 -10.41
CA PRO A 359 -0.80 20.17 -10.57
C PRO A 359 -1.46 18.84 -10.98
N GLY A 360 -2.78 18.81 -11.04
CA GLY A 360 -3.48 17.71 -11.67
C GLY A 360 -4.33 16.99 -10.66
N THR A 361 -4.09 15.68 -10.50
CA THR A 361 -4.96 14.83 -9.64
C THR A 361 -4.42 14.74 -8.21
N LEU A 362 -3.33 15.47 -7.96
CA LEU A 362 -2.78 15.72 -6.64
C LEU A 362 -2.15 17.09 -6.72
N GLY A 363 -1.94 17.72 -5.58
CA GLY A 363 -1.29 18.99 -5.62
C GLY A 363 -0.10 18.91 -4.73
N ARG A 364 1.01 19.51 -5.16
CA ARG A 364 2.16 19.71 -4.30
C ARG A 364 2.68 21.14 -4.46
N ILE A 365 2.80 21.84 -3.33
CA ILE A 365 3.11 23.26 -3.33
C ILE A 365 4.45 23.51 -2.67
N ARG A 366 5.29 24.30 -3.34
CA ARG A 366 6.43 24.88 -2.69
C ARG A 366 6.57 26.36 -3.10
N ALA A 367 7.48 27.08 -2.42
CA ALA A 367 7.77 28.48 -2.75
C ALA A 367 8.42 28.48 -4.13
N LYS A 368 8.04 29.44 -4.98
CA LYS A 368 8.71 29.65 -6.30
C LYS A 368 10.20 30.01 -6.15
N SER A 369 10.54 30.79 -5.14
CA SER A 369 11.91 31.19 -4.89
C SER A 369 12.30 30.99 -3.40
N ILE A 370 13.41 30.29 -3.14
CA ILE A 370 13.83 30.10 -1.72
C ILE A 370 14.54 31.33 -1.10
N ASN A 371 14.64 32.41 -1.89
CA ASN A 371 15.06 33.75 -1.44
C ASN A 371 13.91 34.62 -0.94
N ASN A 372 12.68 34.13 -1.11
CA ASN A 372 11.49 34.78 -0.58
C ASN A 372 11.13 34.28 0.83
N SER A 373 11.54 35.06 1.84
CA SER A 373 11.27 34.75 3.25
C SER A 373 9.95 35.37 3.72
N LYS A 374 9.18 35.88 2.75
CA LYS A 374 7.83 36.37 2.96
C LYS A 374 6.79 35.26 2.71
N TYR A 375 7.19 34.23 1.96
CA TYR A 375 6.41 32.99 1.76
C TYR A 375 6.17 32.32 3.11
N ASP A 376 4.91 31.96 3.39
CA ASP A 376 4.51 31.30 4.65
C ASP A 376 3.60 30.08 4.40
N PRO A 377 4.09 28.84 4.65
CA PRO A 377 3.20 27.68 4.49
C PRO A 377 1.94 27.67 5.37
N LYS A 378 2.01 28.26 6.57
CA LYS A 378 0.85 28.23 7.48
C LYS A 378 -0.28 29.03 6.87
N THR A 379 0.05 30.20 6.33
CA THR A 379 -1.00 31.05 5.74
C THR A 379 -1.49 30.51 4.40
N ILE A 380 -0.63 29.78 3.67
CA ILE A 380 -1.13 29.12 2.45
C ILE A 380 -2.18 28.06 2.78
N ILE A 381 -1.82 27.18 3.71
CA ILE A 381 -2.72 26.14 4.16
C ILE A 381 -4.03 26.73 4.69
N ALA A 382 -3.95 27.78 5.51
CA ALA A 382 -5.16 28.37 6.04
C ALA A 382 -6.07 28.92 4.92
N ALA A 383 -5.47 29.57 3.91
CA ALA A 383 -6.22 30.10 2.78
C ALA A 383 -6.87 29.01 1.90
N LEU A 384 -6.36 27.78 2.02
CA LEU A 384 -6.88 26.63 1.25
C LEU A 384 -7.84 25.74 2.05
N THR A 385 -8.04 26.06 3.32
CA THR A 385 -8.81 25.19 4.22
C THR A 385 -10.27 25.56 4.35
N CYS A 386 -11.12 24.63 3.89
CA CYS A 386 -12.59 24.76 3.95
C CYS A 386 -13.16 26.11 3.51
N LYS A 387 -12.61 26.67 2.43
CA LYS A 387 -13.01 27.98 1.95
C LYS A 387 -14.29 28.04 1.14
N LYS A 388 -14.62 26.94 0.47
CA LYS A 388 -15.83 26.87 -0.38
C LYS A 388 -16.69 25.68 0.04
N PRO A 389 -18.03 25.82 -0.01
CA PRO A 389 -18.91 24.79 0.52
C PRO A 389 -18.62 23.38 -0.02
N ASP A 390 -18.30 23.29 -1.32
CA ASP A 390 -18.15 21.97 -1.94
C ASP A 390 -16.72 21.70 -2.43
N GLN A 391 -15.77 22.36 -1.77
CA GLN A 391 -14.36 22.41 -2.19
C GLN A 391 -13.84 21.02 -2.58
N HIS A 392 -13.18 20.87 -3.72
CA HIS A 392 -12.83 19.50 -4.24
C HIS A 392 -11.38 19.09 -4.06
N PHE A 393 -10.71 19.70 -3.08
CA PHE A 393 -9.41 19.27 -2.65
C PHE A 393 -9.32 19.63 -1.18
N LYS A 394 -8.41 18.97 -0.47
CA LYS A 394 -8.13 19.28 0.93
C LYS A 394 -6.64 19.41 1.11
N PRO A 395 -6.22 20.54 1.69
CA PRO A 395 -4.80 20.76 1.91
C PRO A 395 -4.30 20.04 3.18
N TYR A 396 -3.04 19.61 3.14
CA TYR A 396 -2.41 18.93 4.29
C TYR A 396 -0.98 19.31 4.35
N MET A 397 -0.43 19.46 5.57
CA MET A 397 1.00 19.26 5.75
C MET A 397 1.23 17.76 5.47
N LYS A 398 2.30 17.42 4.76
CA LYS A 398 2.51 16.00 4.37
C LYS A 398 2.47 15.03 5.57
N GLN A 399 3.05 15.42 6.71
CA GLN A 399 3.04 14.55 7.89
C GLN A 399 1.62 14.30 8.47
N HIS A 400 0.64 15.13 8.09
CA HIS A 400 -0.77 14.89 8.46
C HIS A 400 -1.59 14.09 7.46
N LEU A 401 -1.02 13.79 6.28
CA LEU A 401 -1.68 12.87 5.37
C LEU A 401 -1.98 11.52 6.07
N PRO A 402 -3.13 10.86 5.77
CA PRO A 402 -3.39 9.53 6.33
C PRO A 402 -2.15 8.65 6.21
N LYS A 403 -1.81 8.00 7.31
CA LYS A 403 -0.62 7.20 7.38
C LYS A 403 -0.65 6.04 6.36
N ARG A 404 -1.84 5.57 5.99
CA ARG A 404 -1.95 4.49 4.98
C ARG A 404 -1.35 4.86 3.63
N LEU A 405 -1.21 6.15 3.35
CA LEU A 405 -0.61 6.57 2.05
C LEU A 405 0.90 6.48 2.05
N HIS A 406 1.51 6.43 3.24
CA HIS A 406 2.97 6.36 3.37
C HIS A 406 3.69 7.37 2.45
N TYR A 407 3.26 8.62 2.51
CA TYR A 407 3.66 9.61 1.53
C TYR A 407 4.18 10.89 2.20
N ALA A 408 5.40 10.83 2.71
CA ALA A 408 5.93 11.97 3.47
C ALA A 408 7.42 11.92 3.61
N ASN A 409 8.00 10.74 3.89
CA ASN A 409 9.44 10.63 4.22
C ASN A 409 10.35 10.65 2.96
N ASN A 410 10.29 11.76 2.21
CA ASN A 410 11.19 11.97 1.09
C ASN A 410 11.30 13.48 0.86
N ARG A 411 12.53 13.97 0.69
CA ARG A 411 12.78 15.40 0.42
C ARG A 411 12.16 15.86 -0.90
N ARG A 412 11.81 14.91 -1.78
CA ARG A 412 11.15 15.25 -3.03
C ARG A 412 9.64 15.51 -2.87
N ILE A 413 9.10 15.23 -1.70
CA ILE A 413 7.65 15.37 -1.48
C ILE A 413 7.50 16.70 -0.73
N GLU A 414 6.81 17.66 -1.35
CA GLU A 414 6.71 18.99 -0.77
C GLU A 414 5.87 18.97 0.51
N ASP A 415 6.23 19.84 1.43
CA ASP A 415 5.56 19.93 2.74
C ASP A 415 4.05 20.10 2.62
N ILE A 416 3.60 20.90 1.65
CA ILE A 416 2.19 21.17 1.43
C ILE A 416 1.72 20.29 0.28
N HIS A 417 0.65 19.54 0.56
CA HIS A 417 0.04 18.60 -0.35
C HIS A 417 -1.44 18.83 -0.43
N LEU A 418 -2.00 18.63 -1.62
CA LEU A 418 -3.45 18.68 -1.78
C LEU A 418 -3.95 17.34 -2.21
N LEU A 419 -4.85 16.76 -1.46
CA LEU A 419 -5.54 15.55 -1.83
C LEU A 419 -6.76 15.98 -2.58
N VAL A 420 -6.78 15.62 -3.86
CA VAL A 420 -7.81 16.09 -4.78
C VAL A 420 -8.92 15.06 -4.84
N ASP A 421 -10.19 15.51 -4.78
CA ASP A 421 -11.31 14.59 -4.90
C ASP A 421 -11.27 13.88 -6.22
N ARG A 422 -11.73 12.64 -6.22
CA ARG A 422 -11.88 11.87 -7.43
C ARG A 422 -12.72 12.72 -8.41
N ARG A 423 -12.38 12.61 -9.70
CA ARG A 423 -13.07 13.28 -10.82
CA ARG A 423 -13.07 13.28 -10.82
C ARG A 423 -12.63 14.73 -10.99
N TRP A 424 -11.72 15.19 -10.11
CA TRP A 424 -11.24 16.59 -10.19
C TRP A 424 -9.77 16.78 -10.50
N HIS A 425 -9.45 17.99 -10.96
CA HIS A 425 -8.10 18.50 -11.05
C HIS A 425 -7.91 19.72 -10.16
N VAL A 426 -6.66 19.97 -9.75
CA VAL A 426 -6.29 21.26 -9.20
C VAL A 426 -5.26 21.88 -10.14
N ALA A 427 -5.39 23.19 -10.38
CA ALA A 427 -4.39 23.94 -11.15
C ALA A 427 -4.10 25.27 -10.45
N ARG A 428 -2.95 25.88 -10.77
CA ARG A 428 -2.61 27.19 -10.21
C ARG A 428 -3.58 28.31 -10.69
N LYS A 429 -3.70 28.49 -12.00
CA LYS A 429 -4.47 29.59 -12.64
C LYS A 429 -5.21 29.00 -13.81
N PRO A 430 -6.37 29.60 -14.18
CA PRO A 430 -7.14 29.10 -15.35
C PRO A 430 -6.32 29.02 -16.64
N LEU A 431 -5.40 29.98 -16.86
CA LEU A 431 -4.51 29.99 -18.04
C LEU A 431 -3.76 28.67 -18.22
N ASP A 432 -3.31 28.08 -17.11
CA ASP A 432 -2.65 26.76 -17.08
C ASP A 432 -3.39 25.62 -17.78
N VAL A 433 -4.72 25.65 -17.74
CA VAL A 433 -5.61 24.64 -18.34
C VAL A 433 -5.84 24.82 -19.87
N TYR A 434 -5.92 26.06 -20.36
CA TYR A 434 -6.14 26.33 -21.82
C TYR A 434 -4.91 26.84 -22.64
N LYS A 435 -3.82 27.23 -21.97
CA LYS A 435 -2.54 27.65 -22.63
C LYS A 435 -1.32 26.76 -22.28
N LYS A 436 -1.56 25.44 -22.11
CA LYS A 436 -0.50 24.42 -21.90
C LYS A 436 -0.92 23.01 -22.39
N CYS A 441 -11.66 21.18 -24.50
CA CYS A 441 -11.08 20.22 -23.54
C CYS A 441 -10.44 19.01 -24.21
N PHE A 442 -9.14 18.79 -23.93
CA PHE A 442 -8.43 17.61 -24.45
C PHE A 442 -9.00 16.30 -23.84
N PHE A 443 -8.80 16.13 -22.54
CA PHE A 443 -8.86 14.82 -21.87
C PHE A 443 -10.20 14.53 -21.22
N GLN A 444 -10.55 13.26 -21.13
CA GLN A 444 -11.76 12.85 -20.45
C GLN A 444 -11.45 11.86 -19.33
N GLY A 445 -10.19 11.43 -19.22
CA GLY A 445 -9.78 10.48 -18.19
C GLY A 445 -8.53 10.93 -17.47
N ASP A 446 -8.42 10.60 -16.18
CA ASP A 446 -7.14 10.75 -15.51
C ASP A 446 -7.09 9.84 -14.26
N HIS A 447 -5.93 9.81 -13.62
CA HIS A 447 -5.66 8.96 -12.45
C HIS A 447 -4.61 9.67 -11.63
N GLY A 448 -4.32 9.16 -10.42
CA GLY A 448 -3.34 9.80 -9.53
C GLY A 448 -3.89 9.97 -8.13
N PHE A 449 -5.21 9.88 -8.00
CA PHE A 449 -5.98 10.10 -6.77
C PHE A 449 -5.60 9.08 -5.67
N ASP A 450 -6.02 9.38 -4.44
CA ASP A 450 -5.95 8.48 -3.28
C ASP A 450 -6.13 6.99 -3.71
N ASN A 451 -5.23 6.12 -3.24
CA ASN A 451 -5.22 4.72 -3.74
C ASN A 451 -6.31 3.83 -3.15
N LYS A 452 -7.14 4.40 -2.28
CA LYS A 452 -8.35 3.72 -1.83
C LYS A 452 -9.49 3.83 -2.84
N VAL A 453 -9.39 4.76 -3.79
CA VAL A 453 -10.51 5.08 -4.71
C VAL A 453 -10.76 3.95 -5.69
N ASN A 454 -12.01 3.47 -5.78
CA ASN A 454 -12.35 2.33 -6.64
C ASN A 454 -11.85 2.44 -8.06
N SER A 455 -12.08 3.60 -8.66
CA SER A 455 -11.70 3.79 -10.07
C SER A 455 -10.18 3.70 -10.27
N MET A 456 -9.41 3.85 -9.19
CA MET A 456 -7.94 3.70 -9.25
C MET A 456 -7.40 2.25 -9.13
N GLN A 457 -8.24 1.33 -8.67
CA GLN A 457 -7.82 -0.08 -8.51
C GLN A 457 -7.45 -0.69 -9.83
N THR A 458 -6.53 -1.65 -9.80
CA THR A 458 -6.11 -2.24 -11.01
C THR A 458 -6.19 -3.77 -10.89
N VAL A 459 -5.51 -4.48 -11.77
CA VAL A 459 -5.69 -5.93 -11.89
C VAL A 459 -4.47 -6.75 -11.46
N PHE A 460 -4.76 -7.97 -11.05
CA PHE A 460 -3.74 -8.99 -10.94
C PHE A 460 -4.29 -10.34 -11.40
N VAL A 461 -3.51 -11.03 -12.24
CA VAL A 461 -3.76 -12.42 -12.59
C VAL A 461 -2.39 -13.07 -12.56
N GLY A 462 -2.29 -14.22 -11.91
CA GLY A 462 -1.08 -15.08 -12.06
C GLY A 462 -1.47 -16.42 -12.68
N TYR A 463 -0.70 -16.86 -13.66
CA TYR A 463 -1.05 -18.09 -14.33
C TYR A 463 0.25 -18.87 -14.55
N GLY A 464 0.25 -20.14 -14.18
CA GLY A 464 1.47 -20.89 -14.43
C GLY A 464 1.57 -22.03 -13.46
N PRO A 465 2.64 -22.86 -13.55
CA PRO A 465 2.87 -24.00 -12.65
C PRO A 465 2.97 -23.62 -11.19
N THR A 466 3.50 -22.42 -10.91
CA THR A 466 3.76 -22.01 -9.53
C THR A 466 2.55 -21.32 -8.92
N PHE A 467 1.62 -20.80 -9.72
CA PHE A 467 0.36 -20.24 -9.17
C PHE A 467 -0.68 -21.30 -8.97
N LYS A 468 -1.69 -20.97 -8.17
CA LYS A 468 -2.78 -21.90 -7.98
C LYS A 468 -3.70 -21.99 -9.18
N TYR A 469 -4.44 -23.09 -9.19
CA TYR A 469 -5.39 -23.40 -10.25
C TYR A 469 -6.77 -22.86 -9.89
N ARG A 470 -7.43 -22.14 -10.82
CA ARG A 470 -8.83 -21.58 -10.67
C ARG A 470 -9.08 -20.98 -9.30
N THR A 471 -8.18 -20.12 -8.81
CA THR A 471 -8.28 -19.71 -7.41
C THR A 471 -8.52 -18.21 -7.40
N LYS A 472 -9.46 -17.78 -6.58
CA LYS A 472 -9.66 -16.37 -6.35
C LYS A 472 -9.03 -16.03 -5.01
N VAL A 473 -8.27 -14.93 -4.95
CA VAL A 473 -7.64 -14.50 -3.69
C VAL A 473 -8.24 -13.13 -3.38
N PRO A 474 -8.24 -12.71 -2.10
CA PRO A 474 -8.68 -11.34 -1.78
C PRO A 474 -7.80 -10.23 -2.40
N PRO A 475 -8.34 -9.01 -2.55
CA PRO A 475 -7.54 -7.87 -3.00
C PRO A 475 -6.31 -7.70 -2.10
N PHE A 476 -5.23 -7.22 -2.67
CA PHE A 476 -4.00 -7.05 -1.93
C PHE A 476 -3.27 -5.88 -2.59
N GLU A 477 -2.23 -5.39 -1.94
CA GLU A 477 -1.54 -4.18 -2.44
C GLU A 477 -0.37 -4.55 -3.33
N ASN A 478 -0.12 -3.71 -4.32
CA ASN A 478 0.94 -4.02 -5.24
C ASN A 478 2.38 -4.05 -4.61
N ILE A 479 2.58 -3.42 -3.44
CA ILE A 479 3.89 -3.51 -2.72
C ILE A 479 4.25 -4.96 -2.33
N GLU A 480 3.25 -5.86 -2.30
CA GLU A 480 3.49 -7.30 -1.95
C GLU A 480 4.08 -8.16 -3.07
N LEU A 481 3.98 -7.71 -4.32
N LEU A 481 3.98 -7.67 -4.30
CA LEU A 481 4.34 -8.59 -5.43
CA LEU A 481 4.29 -8.46 -5.49
C LEU A 481 5.83 -8.83 -5.62
C LEU A 481 5.79 -8.79 -5.65
N TYR A 482 6.66 -7.84 -5.30
CA TYR A 482 8.12 -8.03 -5.43
C TYR A 482 8.58 -9.31 -4.72
N ASN A 483 8.15 -9.49 -3.46
CA ASN A 483 8.48 -10.71 -2.71
C ASN A 483 8.08 -11.99 -3.49
N VAL A 484 6.91 -11.98 -4.09
CA VAL A 484 6.37 -13.16 -4.74
C VAL A 484 7.12 -13.41 -6.03
N MET A 485 7.45 -12.35 -6.77
CA MET A 485 8.28 -12.52 -7.97
C MET A 485 9.67 -13.04 -7.61
N CYS A 486 10.20 -12.63 -6.47
CA CYS A 486 11.47 -13.22 -5.97
C CYS A 486 11.28 -14.68 -5.63
N ASP A 487 10.17 -15.01 -4.98
CA ASP A 487 9.83 -16.42 -4.69
C ASP A 487 9.70 -17.24 -5.98
N LEU A 488 9.06 -16.67 -7.01
CA LEU A 488 8.89 -17.40 -8.28
C LEU A 488 10.18 -17.66 -8.97
N LEU A 489 11.17 -16.84 -8.65
CA LEU A 489 12.48 -16.96 -9.28
C LEU A 489 13.54 -17.56 -8.38
N GLY A 490 13.17 -17.96 -7.17
CA GLY A 490 14.14 -18.45 -6.17
C GLY A 490 15.16 -17.43 -5.73
N LEU A 491 14.77 -16.15 -5.62
CA LEU A 491 15.67 -15.06 -5.23
C LEU A 491 15.36 -14.67 -3.80
N LYS A 492 16.35 -14.13 -3.10
CA LYS A 492 16.13 -13.55 -1.78
C LYS A 492 15.79 -12.07 -2.06
N PRO A 493 14.62 -11.62 -1.59
CA PRO A 493 14.22 -10.22 -1.88
C PRO A 493 15.10 -9.24 -1.14
N ALA A 494 15.44 -8.11 -1.75
CA ALA A 494 16.05 -7.03 -1.01
C ALA A 494 15.03 -6.49 0.02
N PRO A 495 15.50 -5.81 1.09
CA PRO A 495 14.58 -5.34 2.12
C PRO A 495 13.47 -4.46 1.51
N ASN A 496 12.21 -4.75 1.79
CA ASN A 496 11.16 -3.98 1.11
C ASN A 496 9.94 -3.81 2.01
N ASN A 497 8.88 -3.19 1.48
CA ASN A 497 7.68 -2.92 2.28
C ASN A 497 6.58 -3.98 2.22
N GLY A 498 6.71 -4.96 1.34
CA GLY A 498 5.86 -6.15 1.43
C GLY A 498 6.00 -6.86 2.77
N THR A 499 5.09 -7.79 3.04
CA THR A 499 5.15 -8.58 4.26
C THR A 499 5.27 -9.98 3.74
N HIS A 500 6.47 -10.52 3.81
CA HIS A 500 6.83 -11.74 3.09
C HIS A 500 6.15 -12.93 3.72
N GLY A 501 5.25 -13.53 2.96
CA GLY A 501 4.43 -14.61 3.39
C GLY A 501 2.97 -14.24 3.30
N SER A 502 2.64 -12.95 3.27
CA SER A 502 1.23 -12.58 3.21
C SER A 502 0.54 -12.96 1.92
N LEU A 503 1.31 -13.20 0.85
CA LEU A 503 0.72 -13.70 -0.41
C LEU A 503 1.04 -15.18 -0.70
N ASN A 504 1.37 -15.96 0.35
CA ASN A 504 1.57 -17.41 0.15
C ASN A 504 0.38 -18.15 -0.44
N HIS A 505 -0.82 -17.72 -0.07
CA HIS A 505 -2.05 -18.30 -0.61
C HIS A 505 -2.27 -18.11 -2.12
N LEU A 506 -1.41 -17.37 -2.80
CA LEU A 506 -1.47 -17.31 -4.26
C LEU A 506 -0.75 -18.48 -4.90
N LEU A 507 0.11 -19.16 -4.14
CA LEU A 507 1.11 -20.04 -4.73
C LEU A 507 0.82 -21.49 -4.44
N ARG A 508 1.05 -22.33 -5.45
CA ARG A 508 1.03 -23.76 -5.30
C ARG A 508 2.27 -24.22 -4.54
N THR A 509 3.43 -23.72 -4.92
CA THR A 509 4.71 -24.11 -4.30
C THR A 509 5.55 -22.82 -4.20
N ASN A 510 6.81 -22.96 -3.78
CA ASN A 510 7.79 -21.86 -3.58
C ASN A 510 7.30 -20.91 -2.48
N THR A 511 6.47 -21.44 -1.56
CA THR A 511 6.06 -20.55 -0.50
C THR A 511 7.32 -20.17 0.36
N PHE A 512 7.18 -19.07 1.07
CA PHE A 512 8.21 -18.57 1.93
C PHE A 512 7.64 -18.74 3.31
N ARG A 513 8.37 -19.43 4.17
CA ARG A 513 7.83 -19.79 5.47
C ARG A 513 8.46 -18.96 6.56
N PRO A 514 7.86 -17.80 6.91
CA PRO A 514 8.50 -16.95 7.92
C PRO A 514 8.26 -17.44 9.34
N THR A 515 9.16 -17.09 10.25
CA THR A 515 8.97 -17.28 11.67
C THR A 515 8.51 -15.93 12.21
N MET A 516 7.73 -15.96 13.29
CA MET A 516 7.33 -14.75 14.01
C MET A 516 8.59 -14.09 14.58
N PRO A 517 8.64 -12.74 14.57
CA PRO A 517 9.81 -12.12 15.18
C PRO A 517 9.91 -12.46 16.67
N ASP A 518 11.14 -12.61 17.17
CA ASP A 518 11.33 -12.82 18.59
C ASP A 518 11.01 -11.58 19.40
N GLU A 519 10.39 -11.79 20.56
CA GLU A 519 10.16 -10.70 21.49
C GLU A 519 11.50 -10.22 22.00
N VAL A 520 11.70 -8.92 22.04
CA VAL A 520 12.97 -8.40 22.57
C VAL A 520 12.86 -8.05 24.04
N SER A 521 11.76 -7.43 24.47
CA SER A 521 11.60 -7.07 25.87
C SER A 521 10.50 -7.87 26.47
N ARG A 522 10.82 -8.54 27.58
CA ARG A 522 9.82 -9.25 28.34
C ARG A 522 9.22 -8.31 29.39
N PRO A 523 7.92 -8.42 29.66
CA PRO A 523 7.32 -7.46 30.58
C PRO A 523 7.66 -7.78 32.02
N ASN A 524 7.46 -6.78 32.88
CA ASN A 524 7.35 -7.03 34.33
C ASN A 524 5.88 -7.19 34.67
N TYR A 525 5.62 -7.95 35.73
CA TYR A 525 4.28 -8.13 36.27
C TYR A 525 4.21 -7.55 37.71
N PRO A 526 4.07 -6.23 37.84
CA PRO A 526 4.11 -5.63 39.19
C PRO A 526 2.88 -5.93 40.05
N GLY A 527 3.10 -6.20 41.34
CA GLY A 527 2.00 -6.30 42.29
C GLY A 527 1.88 -4.97 43.04
N ILE A 528 1.05 -4.94 44.08
CA ILE A 528 0.88 -3.75 44.92
C ILE A 528 2.20 -3.41 45.66
N MET A 529 2.81 -2.27 45.30
CA MET A 529 4.14 -1.93 45.77
CA MET A 529 4.14 -1.93 45.79
C MET A 529 4.24 -0.55 46.42
N TYR A 530 3.16 0.23 46.37
CA TYR A 530 3.20 1.65 46.79
C TYR A 530 2.01 2.01 47.56
N LEU A 531 2.21 2.83 48.58
CA LEU A 531 1.08 3.35 49.33
C LEU A 531 0.58 4.62 48.66
N GLN A 532 -0.73 4.85 48.75
CA GLN A 532 -1.41 6.01 48.18
C GLN A 532 -0.66 7.33 48.45
N SER A 533 -0.20 7.51 49.68
CA SER A 533 0.45 8.74 50.11
C SER A 533 1.84 8.95 49.54
N GLU A 534 2.42 7.96 48.87
CA GLU A 534 3.71 8.18 48.21
C GLU A 534 3.57 8.99 46.94
N PHE A 535 2.35 9.15 46.46
CA PHE A 535 2.11 9.85 45.20
C PHE A 535 1.74 11.27 45.47
N ASP A 536 2.47 12.18 44.86
CA ASP A 536 2.06 13.54 44.89
C ASP A 536 1.91 14.01 43.45
N LEU A 537 0.80 13.62 42.85
CA LEU A 537 0.60 13.85 41.43
C LEU A 537 -0.37 14.98 41.21
N GLY A 538 -1.00 15.47 42.28
CA GLY A 538 -1.95 16.58 42.14
C GLY A 538 -3.24 16.07 41.55
N CYS A 539 -3.43 14.76 41.62
CA CYS A 539 -4.67 14.12 41.13
C CYS A 539 -5.58 13.96 42.29
N THR A 540 -6.88 14.03 42.04
CA THR A 540 -7.91 13.72 43.04
C THR A 540 -8.91 12.76 42.47
N CYS A 541 -9.52 11.97 43.35
CA CYS A 541 -10.67 11.20 42.98
C CYS A 541 -11.62 11.07 44.16
N ASP A 542 -12.91 11.25 43.90
CA ASP A 542 -13.92 10.98 44.92
C ASP A 542 -14.18 9.46 45.02
N ASP A 543 -13.28 8.75 45.71
CA ASP A 543 -13.35 7.28 45.72
C ASP A 543 -13.23 6.57 47.09
N LYS A 544 -13.30 7.31 48.18
CA LYS A 544 -13.17 6.76 49.56
C LYS A 544 -14.46 6.08 50.08
N VAL A 545 -14.69 4.82 49.68
CA VAL A 545 -15.82 3.98 50.20
C VAL A 545 -15.25 2.61 50.69
N GLU A 546 -15.84 2.02 51.74
CA GLU A 546 -15.27 0.87 52.54
C GLU A 546 -14.71 -0.32 51.73
N ASN A 549 -15.55 -5.82 52.36
CA ASN A 549 -16.33 -6.99 51.93
C ASN A 549 -15.43 -8.16 51.46
N LYS A 550 -15.47 -9.28 52.19
CA LYS A 550 -14.57 -10.44 51.92
C LYS A 550 -14.93 -11.39 50.74
N LEU A 551 -16.20 -11.39 50.31
CA LEU A 551 -16.62 -12.12 49.09
C LEU A 551 -16.00 -11.44 47.83
N GLU A 552 -16.26 -10.14 47.69
CA GLU A 552 -15.74 -9.31 46.58
C GLU A 552 -14.25 -8.91 46.70
N GLU A 553 -13.59 -9.30 47.80
CA GLU A 553 -12.15 -9.02 48.04
C GLU A 553 -11.22 -10.05 47.42
N LEU A 554 -11.60 -11.33 47.47
CA LEU A 554 -10.86 -12.35 46.71
C LEU A 554 -11.05 -12.07 45.21
N ASN A 555 -12.25 -11.58 44.87
CA ASN A 555 -12.67 -11.26 43.51
C ASN A 555 -11.83 -10.19 42.80
N LYS A 556 -11.70 -9.01 43.42
CA LYS A 556 -10.86 -7.92 42.90
C LYS A 556 -9.37 -8.28 42.84
N ARG A 557 -8.90 -9.07 43.83
CA ARG A 557 -7.55 -9.65 43.85
C ARG A 557 -7.24 -10.51 42.62
N LEU A 558 -8.18 -11.40 42.28
CA LEU A 558 -8.08 -12.29 41.11
C LEU A 558 -8.01 -11.51 39.78
N HIS A 559 -8.84 -10.46 39.68
CA HIS A 559 -8.92 -9.58 38.49
C HIS A 559 -7.61 -8.86 38.24
N THR A 560 -6.99 -8.37 39.32
CA THR A 560 -5.66 -7.72 39.27
C THR A 560 -4.53 -8.72 39.02
N LYS A 561 -4.79 -10.02 39.23
CA LYS A 561 -3.80 -11.09 38.95
C LYS A 561 -3.91 -11.69 37.54
N GLY A 562 -4.96 -11.30 36.81
CA GLY A 562 -5.15 -11.74 35.43
C GLY A 562 -6.23 -12.77 35.21
N SER A 563 -7.22 -12.84 36.10
CA SER A 563 -8.31 -13.84 35.98
C SER A 563 -9.20 -13.70 34.73
N THR A 564 -9.53 -12.46 34.36
CA THR A 564 -10.36 -12.22 33.16
C THR A 564 -9.50 -12.02 31.90
N LYS A 565 -8.19 -12.28 31.99
CA LYS A 565 -7.27 -11.96 30.88
C LYS A 565 -7.59 -12.66 29.55
N GLU A 566 -8.19 -13.85 29.61
CA GLU A 566 -8.47 -14.63 28.41
C GLU A 566 -9.70 -14.04 27.72
N ARG A 567 -10.45 -13.22 28.43
CA ARG A 567 -11.60 -12.53 27.87
C ARG A 567 -11.10 -11.33 27.06
N HIS A 568 -10.11 -10.61 27.57
CA HIS A 568 -9.71 -9.31 27.02
C HIS A 568 -8.47 -9.33 26.17
N LEU A 569 -7.66 -10.36 26.35
CA LEU A 569 -6.52 -10.58 25.52
C LEU A 569 -6.70 -11.86 24.68
N LEU A 570 -7.38 -11.72 23.56
CA LEU A 570 -7.83 -12.87 22.76
C LEU A 570 -6.80 -13.54 21.89
N TYR A 571 -5.74 -12.81 21.52
CA TYR A 571 -4.75 -13.30 20.56
C TYR A 571 -3.36 -13.27 21.15
N GLY A 572 -3.30 -13.40 22.47
CA GLY A 572 -2.03 -13.31 23.17
C GLY A 572 -1.63 -11.86 23.35
N ARG A 573 -0.65 -11.60 24.19
CA ARG A 573 -0.19 -10.22 24.31
C ARG A 573 0.69 -9.88 23.11
N PRO A 574 0.63 -8.62 22.63
CA PRO A 574 1.56 -8.21 21.59
C PRO A 574 3.00 -8.37 22.06
N ALA A 575 3.90 -8.73 21.15
CA ALA A 575 5.31 -8.80 21.51
C ALA A 575 5.95 -7.45 21.26
N VAL A 576 6.81 -7.04 22.18
CA VAL A 576 7.56 -5.82 22.06
C VAL A 576 8.87 -6.14 21.38
N LEU A 577 9.06 -5.61 20.18
CA LEU A 577 10.20 -5.96 19.35
C LEU A 577 11.38 -5.00 19.50
N TYR A 578 11.43 -4.23 20.56
CA TYR A 578 12.63 -3.39 20.78
C TYR A 578 12.93 -3.40 22.29
N ARG A 579 14.04 -2.78 22.68
CA ARG A 579 14.55 -2.81 24.05
CA ARG A 579 14.56 -2.82 24.04
C ARG A 579 13.87 -1.74 24.89
N THR A 580 13.13 -2.14 25.90
CA THR A 580 12.42 -1.13 26.69
C THR A 580 11.99 -1.71 28.01
N SER A 581 11.42 -0.87 28.86
CA SER A 581 11.04 -1.30 30.16
C SER A 581 9.53 -1.13 30.31
N TYR A 582 8.81 -2.22 30.52
CA TYR A 582 7.36 -2.08 30.55
C TYR A 582 6.68 -3.08 31.46
N ASP A 583 5.46 -2.80 31.86
CA ASP A 583 4.72 -3.62 32.82
C ASP A 583 3.43 -4.10 32.25
N ILE A 584 3.08 -5.36 32.49
CA ILE A 584 1.72 -5.82 32.19
C ILE A 584 0.84 -5.44 33.38
N LEU A 585 -0.32 -4.85 33.10
CA LEU A 585 -1.28 -4.46 34.12
C LEU A 585 -2.61 -5.13 33.85
N TYR A 586 -3.08 -5.95 34.79
CA TYR A 586 -4.39 -6.57 34.61
C TYR A 586 -5.51 -5.81 35.31
N HIS A 587 -6.71 -5.88 34.72
CA HIS A 587 -7.92 -5.30 35.32
C HIS A 587 -9.11 -6.16 34.93
N THR A 588 -10.22 -6.00 35.65
CA THR A 588 -11.46 -6.69 35.31
C THR A 588 -11.79 -6.58 33.84
N ASP A 589 -11.76 -5.34 33.31
CA ASP A 589 -12.28 -5.04 31.97
C ASP A 589 -11.24 -4.90 30.83
N PHE A 590 -9.97 -4.81 31.20
CA PHE A 590 -8.92 -4.55 30.23
C PHE A 590 -7.57 -4.92 30.79
N GLU A 591 -6.64 -5.14 29.86
CA GLU A 591 -5.25 -5.48 30.15
CA GLU A 591 -5.26 -5.46 30.19
C GLU A 591 -4.40 -4.47 29.38
N SER A 592 -3.32 -4.01 29.97
CA SER A 592 -2.46 -3.10 29.27
C SER A 592 -0.97 -3.45 29.41
N GLY A 593 -0.18 -3.00 28.44
CA GLY A 593 1.25 -3.07 28.52
C GLY A 593 1.73 -1.65 28.73
N TYR A 594 2.15 -1.35 29.95
CA TYR A 594 2.45 0.04 30.37
C TYR A 594 3.95 0.38 30.30
N SER A 595 4.28 1.44 29.57
CA SER A 595 5.67 1.80 29.32
C SER A 595 6.17 2.70 30.43
N GLU A 596 7.18 2.24 31.17
CA GLU A 596 7.85 3.05 32.17
C GLU A 596 8.63 4.23 31.53
N ILE A 597 8.96 4.08 30.25
CA ILE A 597 9.75 5.09 29.54
C ILE A 597 8.84 6.22 29.01
N PHE A 598 7.72 5.87 28.38
CA PHE A 598 6.81 6.85 27.82
C PHE A 598 5.71 7.25 28.80
N LEU A 599 5.65 6.59 29.97
CA LEU A 599 4.69 6.92 31.06
C LEU A 599 3.21 6.72 30.64
N MET A 600 2.98 5.73 29.76
CA MET A 600 1.62 5.46 29.33
C MET A 600 1.61 4.08 28.70
N PRO A 601 0.41 3.51 28.43
CA PRO A 601 0.47 2.20 27.77
C PRO A 601 0.97 2.28 26.34
N LEU A 602 1.67 1.22 25.92
CA LEU A 602 1.99 1.01 24.55
C LEU A 602 0.76 0.45 23.86
N TRP A 603 -0.06 -0.27 24.64
CA TRP A 603 -1.25 -0.96 24.10
C TRP A 603 -2.17 -1.23 25.27
N THR A 604 -3.46 -1.20 24.95
CA THR A 604 -4.50 -1.49 25.92
C THR A 604 -5.48 -2.40 25.15
N SER A 605 -5.78 -3.57 25.74
CA SER A 605 -6.59 -4.59 25.11
C SER A 605 -7.89 -4.87 25.92
N TYR A 606 -9.03 -4.84 25.25
CA TYR A 606 -10.31 -5.14 25.93
C TYR A 606 -11.33 -5.69 24.96
N THR A 607 -12.22 -6.54 25.45
CA THR A 607 -13.28 -7.13 24.64
C THR A 607 -14.65 -6.59 25.08
N ILE A 608 -15.47 -6.21 24.08
CA ILE A 608 -16.84 -5.67 24.24
C ILE A 608 -17.75 -6.64 23.51
N SER A 609 -18.59 -7.35 24.26
CA SER A 609 -19.45 -8.35 23.68
C SER A 609 -20.67 -7.61 23.07
N LYS A 610 -21.42 -8.31 22.21
CA LYS A 610 -22.68 -7.76 21.68
C LYS A 610 -23.64 -7.29 22.79
N GLN A 611 -23.69 -8.02 23.90
CA GLN A 611 -24.60 -7.74 25.04
C GLN A 611 -24.17 -6.54 25.92
N ALA A 612 -22.89 -6.13 25.85
CA ALA A 612 -22.35 -5.10 26.76
C ALA A 612 -23.11 -3.81 26.72
N GLU A 613 -23.13 -3.11 27.84
CA GLU A 613 -23.87 -1.88 27.96
C GLU A 613 -22.98 -0.64 28.15
N VAL A 614 -23.43 0.45 27.57
CA VAL A 614 -22.79 1.75 27.70
C VAL A 614 -23.42 2.43 28.90
N SER A 615 -22.57 2.96 29.77
CA SER A 615 -22.98 3.77 30.89
C SER A 615 -22.27 5.11 30.75
N SER A 616 -22.60 6.06 31.61
CA SER A 616 -21.91 7.36 31.57
C SER A 616 -20.91 7.43 32.71
N ILE A 617 -20.03 8.42 32.64
CA ILE A 617 -19.15 8.74 33.75
C ILE A 617 -20.02 9.43 34.84
N PRO A 618 -20.18 8.78 36.02
CA PRO A 618 -20.86 9.48 37.13
C PRO A 618 -20.29 10.86 37.42
N GLU A 619 -21.18 11.77 37.86
CA GLU A 619 -20.85 13.16 38.15
C GLU A 619 -19.69 13.32 39.10
N HIS A 620 -19.71 12.53 40.18
CA HIS A 620 -18.65 12.59 41.22
C HIS A 620 -17.28 12.14 40.68
N LEU A 621 -17.31 11.36 39.59
CA LEU A 621 -16.09 10.82 39.00
C LEU A 621 -15.56 11.60 37.79
N THR A 622 -16.22 12.71 37.45
CA THR A 622 -15.88 13.48 36.23
C THR A 622 -14.39 13.78 36.08
N ASN A 623 -13.76 14.27 37.14
CA ASN A 623 -12.33 14.64 37.10
C ASN A 623 -11.42 13.70 37.86
N CYS A 624 -11.95 12.53 38.15
CA CYS A 624 -11.23 11.51 38.91
C CYS A 624 -9.96 10.94 38.18
N VAL A 625 -8.80 11.07 38.79
CA VAL A 625 -7.61 10.30 38.36
C VAL A 625 -7.00 9.66 39.60
N ARG A 626 -6.68 8.36 39.54
CA ARG A 626 -6.27 7.59 40.69
C ARG A 626 -4.86 7.05 40.52
N PRO A 627 -3.98 7.27 41.53
CA PRO A 627 -2.68 6.59 41.50
C PRO A 627 -2.82 5.07 41.36
N ASP A 628 -1.88 4.48 40.64
CA ASP A 628 -1.82 3.04 40.47
C ASP A 628 -0.74 2.48 41.41
N VAL A 629 -1.19 1.74 42.42
CA VAL A 629 -0.29 1.28 43.49
C VAL A 629 0.71 0.21 43.03
N ARG A 630 0.54 -0.26 41.78
CA ARG A 630 1.48 -1.20 41.16
C ARG A 630 2.64 -0.45 40.47
N VAL A 631 2.51 0.86 40.31
CA VAL A 631 3.45 1.62 39.45
C VAL A 631 4.02 2.82 40.19
N SER A 632 5.35 2.96 40.18
N SER A 632 5.34 2.95 40.17
CA SER A 632 6.03 3.98 40.99
CA SER A 632 6.03 3.98 40.93
C SER A 632 5.59 5.41 40.64
C SER A 632 5.55 5.42 40.63
N PRO A 633 5.54 6.33 41.65
CA PRO A 633 5.23 7.74 41.33
C PRO A 633 6.14 8.24 40.23
N GLY A 634 7.43 7.87 40.31
CA GLY A 634 8.41 8.31 39.31
C GLY A 634 8.12 7.83 37.90
N PHE A 635 7.34 6.74 37.76
CA PHE A 635 6.95 6.19 36.46
C PHE A 635 5.50 6.47 36.10
N SER A 636 4.95 7.52 36.68
CA SER A 636 3.53 7.86 36.52
C SER A 636 3.40 9.24 35.92
N GLN A 637 2.36 9.45 35.12
CA GLN A 637 1.95 10.79 34.79
C GLN A 637 1.50 11.53 36.06
N ASN A 638 1.26 12.84 35.95
CA ASN A 638 0.71 13.62 37.06
C ASN A 638 -0.34 14.59 36.53
N CYS A 639 -1.34 14.87 37.36
CA CYS A 639 -2.44 15.78 36.99
C CYS A 639 -2.04 17.24 36.90
N LEU A 640 -1.01 17.62 37.66
CA LEU A 640 -0.53 18.99 37.70
C LEU A 640 -0.10 19.46 36.33
N ALA A 641 0.71 18.63 35.66
CA ALA A 641 1.19 18.93 34.31
C ALA A 641 0.02 19.28 33.37
N TYR A 642 -1.08 18.52 33.46
CA TYR A 642 -2.28 18.82 32.68
C TYR A 642 -2.97 20.08 33.10
N LYS A 643 -3.06 20.33 34.39
CA LYS A 643 -3.60 21.61 34.87
C LYS A 643 -2.81 22.75 34.27
N ASN A 644 -1.48 22.69 34.41
CA ASN A 644 -0.59 23.76 33.93
C ASN A 644 -0.60 23.95 32.41
N ASP A 645 -0.66 22.83 31.68
CA ASP A 645 -0.68 22.85 30.23
C ASP A 645 -2.05 23.27 29.72
N LYS A 646 -2.13 24.54 29.34
CA LYS A 646 -3.37 25.13 28.82
C LYS A 646 -3.85 24.55 27.48
N GLN A 647 -2.94 23.98 26.68
CA GLN A 647 -3.31 23.35 25.39
C GLN A 647 -3.78 21.91 25.51
N MET A 648 -3.24 21.19 26.50
CA MET A 648 -3.30 19.75 26.51
C MET A 648 -4.28 19.27 27.55
N SER A 649 -5.18 18.37 27.21
CA SER A 649 -6.01 17.73 28.22
C SER A 649 -5.66 16.21 28.24
N TYR A 650 -6.56 15.34 28.69
CA TYR A 650 -6.27 13.93 28.75
C TYR A 650 -7.51 13.09 28.48
N GLY A 651 -7.24 11.87 28.06
CA GLY A 651 -8.31 10.90 27.79
C GLY A 651 -7.82 9.56 28.33
N PHE A 652 -8.63 8.52 28.19
CA PHE A 652 -8.28 7.21 28.69
C PHE A 652 -8.30 6.22 27.55
N LEU A 653 -7.45 5.21 27.65
CA LEU A 653 -7.38 4.23 26.56
C LEU A 653 -8.50 3.18 26.65
N PHE A 654 -8.66 2.61 27.84
CA PHE A 654 -9.88 1.83 28.06
C PHE A 654 -10.99 2.82 28.44
N PRO A 655 -12.11 2.84 27.70
CA PRO A 655 -13.08 3.90 27.93
C PRO A 655 -13.91 3.65 29.22
N PRO A 656 -13.98 4.65 30.11
CA PRO A 656 -14.86 4.46 31.28
C PRO A 656 -16.34 4.13 30.95
N TYR A 657 -16.81 4.50 29.76
CA TYR A 657 -18.18 4.20 29.35
C TYR A 657 -18.51 2.76 29.24
N LEU A 658 -17.52 1.91 29.06
CA LEU A 658 -17.76 0.49 28.77
C LEU A 658 -17.36 -0.42 29.93
N SER A 659 -17.11 0.20 31.08
CA SER A 659 -16.88 -0.54 32.34
C SER A 659 -18.01 -1.56 32.57
N SER A 660 -17.65 -2.74 33.05
CA SER A 660 -18.63 -3.84 33.27
C SER A 660 -19.52 -3.64 34.51
N SER A 661 -19.09 -2.81 35.44
CA SER A 661 -19.81 -2.59 36.69
C SER A 661 -19.33 -1.27 37.29
N PRO A 662 -20.14 -0.65 38.18
CA PRO A 662 -19.72 0.57 38.87
C PRO A 662 -18.40 0.46 39.59
N GLU A 663 -18.13 -0.70 40.18
CA GLU A 663 -16.87 -0.92 40.88
C GLU A 663 -15.71 -1.09 39.89
N ALA A 664 -15.94 -1.81 38.80
CA ALA A 664 -14.92 -1.90 37.78
C ALA A 664 -14.58 -0.53 37.19
N LYS A 665 -15.54 0.39 37.13
CA LYS A 665 -15.28 1.71 36.54
C LYS A 665 -14.08 2.44 37.14
N TYR A 666 -13.78 2.19 38.41
CA TYR A 666 -12.68 2.87 39.10
C TYR A 666 -11.34 2.60 38.44
N ASP A 667 -11.18 1.40 37.90
CA ASP A 667 -9.97 1.00 37.18
C ASP A 667 -9.73 1.87 35.97
N ALA A 668 -10.81 2.30 35.30
CA ALA A 668 -10.66 3.14 34.10
C ALA A 668 -10.06 4.50 34.40
N PHE A 669 -10.13 4.93 35.65
CA PHE A 669 -9.61 6.23 36.02
C PHE A 669 -8.18 6.21 36.58
N LEU A 670 -7.54 5.04 36.55
CA LEU A 670 -6.13 4.91 36.93
C LEU A 670 -5.26 5.77 36.07
N VAL A 671 -4.24 6.33 36.69
CA VAL A 671 -3.30 7.24 36.05
C VAL A 671 -2.53 6.48 34.97
N THR A 672 -2.52 5.16 35.10
CA THR A 672 -1.84 4.32 34.15
C THR A 672 -2.68 4.00 32.89
N ASN A 673 -3.90 4.54 32.81
CA ASN A 673 -4.77 4.33 31.67
C ASN A 673 -4.96 5.70 30.96
N MET A 674 -4.33 6.76 31.48
CA MET A 674 -4.46 8.15 30.99
CA MET A 674 -4.51 8.10 30.91
C MET A 674 -3.44 8.41 29.89
N VAL A 675 -3.83 9.19 28.88
CA VAL A 675 -2.96 9.57 27.76
C VAL A 675 -3.26 11.03 27.40
N PRO A 676 -2.24 11.77 26.91
CA PRO A 676 -2.50 13.19 26.64
C PRO A 676 -3.33 13.40 25.39
N MET A 677 -4.38 14.22 25.51
CA MET A 677 -5.22 14.60 24.38
C MET A 677 -5.59 16.07 24.32
N TYR A 678 -5.35 16.66 23.17
CA TYR A 678 -5.93 17.98 22.87
C TYR A 678 -7.44 17.90 22.99
N PRO A 679 -8.09 18.95 23.56
CA PRO A 679 -9.55 19.02 23.63
C PRO A 679 -10.22 18.76 22.27
N ALA A 680 -9.64 19.26 21.18
CA ALA A 680 -10.24 19.04 19.88
C ALA A 680 -10.22 17.55 19.52
N PHE A 681 -9.12 16.89 19.85
CA PHE A 681 -9.05 15.45 19.60
C PHE A 681 -9.98 14.65 20.55
N LYS A 682 -10.20 15.15 21.76
CA LYS A 682 -11.08 14.47 22.72
C LYS A 682 -12.50 14.39 22.20
N ARG A 683 -12.96 15.39 21.43
CA ARG A 683 -14.24 15.22 20.72
C ARG A 683 -14.32 13.95 19.85
N VAL A 684 -13.26 13.66 19.09
CA VAL A 684 -13.17 12.48 18.21
C VAL A 684 -13.12 11.18 19.04
N TRP A 685 -12.17 11.16 19.98
CA TRP A 685 -11.89 10.01 20.82
C TRP A 685 -13.11 9.58 21.66
N ALA A 686 -13.77 10.55 22.27
CA ALA A 686 -14.98 10.29 23.07
C ALA A 686 -16.14 9.76 22.25
N TYR A 687 -16.30 10.28 21.03
CA TYR A 687 -17.33 9.72 20.20
C TYR A 687 -17.00 8.29 19.77
N PHE A 688 -15.75 8.04 19.43
CA PHE A 688 -15.33 6.67 19.10
C PHE A 688 -15.63 5.73 20.28
N GLN A 689 -15.17 6.12 21.46
CA GLN A 689 -15.31 5.25 22.64
C GLN A 689 -16.76 5.12 23.19
N ARG A 690 -17.54 6.21 23.17
CA ARG A 690 -18.92 6.20 23.70
C ARG A 690 -19.92 5.61 22.72
N VAL A 691 -19.76 5.92 21.43
CA VAL A 691 -20.74 5.52 20.44
C VAL A 691 -20.23 4.37 19.54
N LEU A 692 -19.08 4.58 18.92
CA LEU A 692 -18.66 3.65 17.89
C LEU A 692 -18.23 2.28 18.35
N VAL A 693 -17.55 2.15 19.50
CA VAL A 693 -17.15 0.79 19.93
C VAL A 693 -18.42 -0.10 20.12
N LYS A 694 -19.45 0.46 20.77
CA LYS A 694 -20.70 -0.26 20.98
C LYS A 694 -21.35 -0.59 19.65
N LYS A 695 -21.40 0.37 18.75
CA LYS A 695 -21.95 0.11 17.44
C LYS A 695 -21.26 -1.04 16.74
N TYR A 696 -19.92 -1.07 16.76
CA TYR A 696 -19.22 -2.17 16.08
C TYR A 696 -19.50 -3.52 16.79
N ALA A 697 -19.61 -3.50 18.12
CA ALA A 697 -19.72 -4.77 18.83
C ALA A 697 -21.09 -5.34 18.52
N SER A 698 -22.04 -4.43 18.37
CA SER A 698 -23.40 -4.75 18.00
C SER A 698 -23.46 -5.38 16.59
N GLU A 699 -22.82 -4.75 15.60
CA GLU A 699 -22.78 -5.20 14.21
C GLU A 699 -21.88 -6.45 13.98
N ARG A 700 -20.81 -6.60 14.76
CA ARG A 700 -19.81 -7.62 14.42
C ARG A 700 -19.90 -8.79 15.37
N ASN A 701 -20.88 -8.71 16.28
CA ASN A 701 -21.10 -9.73 17.32
C ASN A 701 -19.92 -9.81 18.32
N GLY A 702 -19.69 -8.68 18.97
CA GLY A 702 -18.55 -8.54 19.88
C GLY A 702 -17.36 -8.04 19.08
N VAL A 703 -16.55 -7.21 19.74
CA VAL A 703 -15.22 -6.86 19.21
C VAL A 703 -14.17 -6.89 20.31
N ASN A 704 -12.95 -7.26 19.92
CA ASN A 704 -11.79 -7.04 20.73
C ASN A 704 -11.11 -5.76 20.24
N VAL A 705 -10.74 -4.88 21.16
CA VAL A 705 -10.08 -3.62 20.78
C VAL A 705 -8.70 -3.51 21.40
N ILE A 706 -7.70 -3.18 20.59
CA ILE A 706 -6.37 -2.77 21.11
C ILE A 706 -6.12 -1.37 20.63
N SER A 707 -5.91 -0.47 21.59
CA SER A 707 -5.67 0.93 21.33
C SER A 707 -4.37 1.32 21.97
N GLY A 708 -3.81 2.42 21.47
CA GLY A 708 -2.60 2.90 22.03
C GLY A 708 -2.14 4.18 21.37
N PRO A 709 -1.04 4.73 21.86
CA PRO A 709 -0.48 5.91 21.24
C PRO A 709 0.55 5.53 20.14
N ILE A 710 0.78 6.46 19.24
CA ILE A 710 1.87 6.37 18.24
C ILE A 710 2.70 7.65 18.25
N PHE A 711 4.03 7.49 18.15
CA PHE A 711 4.91 8.67 18.09
C PHE A 711 5.69 8.61 16.80
N ASP A 712 5.35 9.46 15.84
CA ASP A 712 6.09 9.48 14.60
C ASP A 712 6.42 10.94 14.23
N TYR A 713 7.25 11.58 15.06
CA TYR A 713 7.63 12.96 14.81
C TYR A 713 8.45 13.22 13.54
N ASN A 714 9.22 12.25 13.06
CA ASN A 714 9.95 12.45 11.82
C ASN A 714 9.23 11.79 10.63
N TYR A 715 7.94 11.41 10.82
CA TYR A 715 7.08 10.89 9.76
C TYR A 715 7.73 9.87 8.81
N ASP A 716 8.46 8.93 9.39
CA ASP A 716 9.12 7.92 8.58
C ASP A 716 8.33 6.62 8.59
N GLY A 717 7.16 6.67 9.24
CA GLY A 717 6.24 5.51 9.33
C GLY A 717 6.75 4.51 10.36
N LEU A 718 7.76 4.90 11.13
CA LEU A 718 8.41 3.98 12.07
C LEU A 718 8.43 4.51 13.52
N ARG A 719 8.33 3.59 14.49
CA ARG A 719 8.30 3.95 15.91
C ARG A 719 9.44 4.93 16.25
N ASP A 720 9.14 6.08 16.87
CA ASP A 720 10.19 6.97 17.35
C ASP A 720 10.85 6.44 18.62
N THR A 721 12.15 6.67 18.75
CA THR A 721 12.84 6.50 20.02
C THR A 721 12.51 7.76 20.88
N GLU A 722 12.75 7.71 22.18
CA GLU A 722 12.40 8.84 23.08
C GLU A 722 13.11 10.14 22.70
N ASP A 723 14.30 10.04 22.13
CA ASP A 723 15.04 11.24 21.76
C ASP A 723 14.53 11.91 20.48
N GLU A 724 13.48 11.36 19.87
CA GLU A 724 12.85 11.93 18.64
C GLU A 724 11.57 12.73 18.93
N ILE A 725 11.09 12.68 20.18
CA ILE A 725 9.84 13.33 20.58
C ILE A 725 9.95 14.85 20.62
N LYS A 726 9.13 15.53 19.82
CA LYS A 726 9.25 17.01 19.76
C LYS A 726 8.34 17.72 20.73
N GLN A 727 7.49 16.99 21.43
CA GLN A 727 6.51 17.67 22.28
C GLN A 727 6.09 16.85 23.48
N TYR A 728 6.09 17.55 24.61
CA TYR A 728 5.76 16.99 25.93
C TYR A 728 4.64 17.80 26.50
N VAL A 729 3.89 17.18 27.40
CA VAL A 729 2.95 17.91 28.23
C VAL A 729 3.79 18.89 29.06
N GLU A 730 3.40 20.15 29.03
CA GLU A 730 4.17 21.23 29.64
C GLU A 730 4.65 20.95 31.05
N GLY A 731 5.97 21.08 31.23
CA GLY A 731 6.60 20.97 32.54
C GLY A 731 6.82 19.56 32.99
N SER A 732 6.75 18.59 32.06
CA SER A 732 6.78 17.18 32.44
C SER A 732 7.54 16.42 31.39
N SER A 733 7.77 15.15 31.67
CA SER A 733 8.37 14.21 30.71
C SER A 733 7.30 13.31 30.03
N ILE A 734 6.04 13.76 30.04
CA ILE A 734 4.95 13.03 29.37
C ILE A 734 4.99 13.41 27.88
N PRO A 735 5.39 12.46 27.00
CA PRO A 735 5.55 12.77 25.56
C PRO A 735 4.17 12.82 24.89
N VAL A 736 3.99 13.65 23.85
CA VAL A 736 2.69 13.80 23.26
C VAL A 736 2.66 12.89 22.03
N PRO A 737 1.68 11.96 21.95
CA PRO A 737 1.60 11.12 20.76
C PRO A 737 1.25 11.94 19.53
N THR A 738 1.73 11.54 18.36
CA THR A 738 1.34 12.15 17.08
C THR A 738 0.01 11.52 16.61
N HIS A 739 -0.30 10.31 17.07
CA HIS A 739 -1.43 9.58 16.56
C HIS A 739 -1.95 8.67 17.64
N TYR A 740 -3.23 8.29 17.56
CA TYR A 740 -3.76 7.18 18.38
C TYR A 740 -4.33 6.13 17.46
N TYR A 741 -3.99 4.85 17.71
CA TYR A 741 -4.46 3.74 16.85
C TYR A 741 -5.55 2.94 17.58
N SER A 742 -6.34 2.20 16.82
CA SER A 742 -7.11 1.11 17.42
C SER A 742 -7.14 -0.02 16.41
N ILE A 743 -7.07 -1.26 16.91
CA ILE A 743 -7.23 -2.46 16.11
C ILE A 743 -8.47 -3.19 16.61
N ILE A 744 -9.44 -3.35 15.72
CA ILE A 744 -10.75 -3.88 16.15
C ILE A 744 -11.01 -5.23 15.47
N THR A 745 -10.95 -6.31 16.24
CA THR A 745 -10.98 -7.65 15.68
C THR A 745 -12.27 -8.38 16.13
N SER A 746 -12.79 -9.24 15.26
CA SER A 746 -13.92 -10.09 15.58
C SER A 746 -13.85 -11.32 14.67
N CYS A 747 -14.87 -12.14 14.76
CA CYS A 747 -14.92 -13.39 14.00
C CYS A 747 -15.39 -13.13 12.61
N LEU A 748 -14.73 -13.72 11.62
CA LEU A 748 -15.15 -13.52 10.21
C LEU A 748 -16.55 -14.10 10.10
N ASP A 749 -16.77 -15.24 10.71
CA ASP A 749 -18.14 -15.78 10.81
C ASP A 749 -18.84 -15.08 11.99
N PHE A 750 -19.57 -14.02 11.67
CA PHE A 750 -20.25 -13.19 12.70
C PHE A 750 -21.39 -13.89 13.47
N THR A 751 -21.70 -15.16 13.14
CA THR A 751 -22.60 -15.93 13.99
C THR A 751 -21.91 -16.37 15.27
N GLN A 752 -20.57 -16.33 15.28
CA GLN A 752 -19.82 -16.60 16.48
C GLN A 752 -19.37 -15.30 17.18
N PRO A 753 -19.48 -15.25 18.53
CA PRO A 753 -19.07 -14.02 19.22
C PRO A 753 -17.56 -13.87 19.15
N ALA A 754 -17.07 -12.63 19.25
CA ALA A 754 -15.63 -12.38 19.08
C ALA A 754 -14.77 -13.21 20.04
N ASP A 755 -15.23 -13.39 21.28
CA ASP A 755 -14.48 -14.17 22.30
C ASP A 755 -14.64 -15.70 22.27
N LYS A 756 -15.42 -16.22 21.32
CA LYS A 756 -15.51 -17.67 21.12
C LYS A 756 -15.51 -17.95 19.62
N CYS A 757 -14.44 -17.56 18.95
CA CYS A 757 -14.36 -17.67 17.50
C CYS A 757 -13.46 -18.85 17.11
N ASP A 758 -13.95 -19.70 16.22
CA ASP A 758 -13.23 -20.94 15.87
C ASP A 758 -12.36 -20.86 14.62
N GLY A 759 -12.63 -19.91 13.74
CA GLY A 759 -11.91 -19.85 12.48
C GLY A 759 -11.30 -18.48 12.20
N PRO A 760 -11.32 -18.07 10.92
CA PRO A 760 -10.69 -16.82 10.49
C PRO A 760 -11.25 -15.58 11.18
N LEU A 761 -10.40 -14.52 11.24
CA LEU A 761 -10.72 -13.30 11.97
C LEU A 761 -11.08 -12.22 10.96
N SER A 762 -11.73 -11.17 11.42
CA SER A 762 -12.03 -10.00 10.63
C SER A 762 -11.47 -8.79 11.42
N VAL A 763 -10.79 -7.89 10.73
CA VAL A 763 -10.17 -6.77 11.40
C VAL A 763 -10.47 -5.48 10.65
N SER A 764 -10.61 -4.40 11.40
CA SER A 764 -10.43 -3.08 10.85
C SER A 764 -9.63 -2.23 11.89
N SER A 765 -8.87 -1.27 11.38
CA SER A 765 -7.98 -0.48 12.25
C SER A 765 -7.92 0.92 11.78
N PHE A 766 -7.51 1.81 12.66
CA PHE A 766 -7.24 3.17 12.24
C PHE A 766 -6.04 3.74 12.98
N ILE A 767 -5.46 4.78 12.39
CA ILE A 767 -4.40 5.56 13.02
C ILE A 767 -4.89 7.00 12.92
N LEU A 768 -5.44 7.52 14.00
CA LEU A 768 -6.03 8.83 13.95
C LEU A 768 -4.97 9.89 14.30
N PRO A 769 -4.89 10.97 13.51
CA PRO A 769 -3.86 11.98 13.84
C PRO A 769 -4.28 12.73 15.12
N HIS A 770 -3.34 12.95 16.03
CA HIS A 770 -3.61 13.61 17.27
C HIS A 770 -3.44 15.11 17.07
N ARG A 771 -4.49 15.78 16.65
CA ARG A 771 -4.36 17.19 16.22
C ARG A 771 -5.08 18.15 17.19
N PRO A 772 -4.50 19.35 17.43
CA PRO A 772 -5.06 20.36 18.30
C PRO A 772 -6.27 21.07 17.73
N ASP A 773 -6.63 20.77 16.49
CA ASP A 773 -7.80 21.36 15.86
C ASP A 773 -8.44 20.30 14.99
N ASN A 774 -9.66 20.54 14.57
CA ASN A 774 -10.33 19.65 13.64
C ASN A 774 -10.47 20.33 12.27
N ASP A 775 -9.44 21.08 11.88
CA ASP A 775 -9.44 21.77 10.55
C ASP A 775 -9.61 20.81 9.36
N GLU A 776 -9.13 19.59 9.51
CA GLU A 776 -9.27 18.54 8.52
C GLU A 776 -10.75 18.23 8.22
N SER A 777 -11.60 18.33 9.23
CA SER A 777 -13.01 18.05 9.06
C SER A 777 -13.81 19.35 8.93
N CYS A 778 -14.19 19.70 7.69
CA CYS A 778 -14.91 20.94 7.39
C CYS A 778 -16.26 21.07 8.12
N ASN A 779 -16.88 19.94 8.50
CA ASN A 779 -18.15 19.93 9.22
CA ASN A 779 -18.15 19.94 9.23
C ASN A 779 -18.01 19.73 10.74
N SER A 780 -16.79 19.91 11.29
CA SER A 780 -16.56 19.66 12.73
C SER A 780 -17.34 20.51 13.75
N SER A 781 -17.87 21.65 13.36
CA SER A 781 -18.66 22.42 14.32
C SER A 781 -20.04 21.80 14.51
N GLU A 782 -20.38 20.82 13.67
CA GLU A 782 -21.58 20.03 13.81
C GLU A 782 -21.38 18.89 14.84
N ASP A 783 -22.42 18.09 15.02
CA ASP A 783 -22.37 16.99 15.97
C ASP A 783 -21.43 15.92 15.45
N GLU A 784 -20.60 15.40 16.35
CA GLU A 784 -19.71 14.27 16.09
C GLU A 784 -20.30 13.19 15.17
N SER A 785 -21.63 12.98 15.23
CA SER A 785 -22.32 11.97 14.39
C SER A 785 -22.32 12.32 12.89
N LYS A 786 -21.88 13.52 12.55
CA LYS A 786 -21.87 14.01 11.17
C LYS A 786 -20.49 14.03 10.54
N TRP A 787 -19.45 13.85 11.34
CA TRP A 787 -18.12 13.98 10.85
C TRP A 787 -17.09 13.02 11.44
N VAL A 788 -17.32 12.46 12.63
CA VAL A 788 -16.24 11.73 13.29
C VAL A 788 -15.94 10.43 12.54
N GLU A 789 -16.98 9.68 12.22
CA GLU A 789 -16.79 8.40 11.57
C GLU A 789 -16.12 8.54 10.17
N GLU A 790 -16.52 9.59 9.45
CA GLU A 790 -15.90 9.97 8.19
C GLU A 790 -14.36 10.19 8.34
N LEU A 791 -13.95 10.91 9.38
CA LEU A 791 -12.54 11.09 9.70
C LEU A 791 -11.84 9.77 9.99
N MET A 792 -12.50 8.92 10.77
CA MET A 792 -11.86 7.65 11.12
C MET A 792 -11.67 6.78 9.90
N LYS A 793 -12.68 6.76 9.04
CA LYS A 793 -12.62 6.04 7.77
C LYS A 793 -11.48 6.50 6.91
N MET A 794 -11.28 7.82 6.84
CA MET A 794 -10.19 8.40 6.05
C MET A 794 -8.81 7.92 6.54
N HIS A 795 -8.71 7.66 7.85
CA HIS A 795 -7.49 7.23 8.51
C HIS A 795 -7.49 5.72 8.86
N THR A 796 -8.22 4.97 8.04
CA THR A 796 -8.21 3.52 8.12
C THR A 796 -6.75 3.04 7.92
N ALA A 797 -6.37 1.93 8.55
CA ALA A 797 -4.98 1.48 8.47
C ALA A 797 -4.87 -0.04 8.46
N ARG A 798 -3.72 -0.55 8.07
CA ARG A 798 -3.48 -1.98 8.20
C ARG A 798 -2.85 -2.19 9.55
N VAL A 799 -3.05 -3.37 10.14
CA VAL A 799 -2.41 -3.69 11.40
C VAL A 799 -0.88 -3.58 11.20
N ARG A 800 -0.40 -3.94 10.02
CA ARG A 800 1.02 -3.83 9.67
C ARG A 800 1.55 -2.38 9.78
N ASP A 801 0.72 -1.41 9.42
CA ASP A 801 1.13 0.00 9.49
C ASP A 801 1.33 0.32 10.98
N ILE A 802 0.46 -0.21 11.83
CA ILE A 802 0.55 0.06 13.28
C ILE A 802 1.77 -0.64 13.84
N GLU A 803 2.06 -1.84 13.34
CA GLU A 803 3.29 -2.57 13.78
C GLU A 803 4.56 -1.75 13.52
N HIS A 804 4.67 -1.20 12.33
CA HIS A 804 5.83 -0.39 11.98
C HIS A 804 5.89 0.79 12.95
N LEU A 805 4.74 1.40 13.23
CA LEU A 805 4.71 2.66 14.00
C LEU A 805 4.89 2.48 15.50
N THR A 806 4.74 1.24 15.97
CA THR A 806 4.79 0.95 17.40
C THR A 806 5.89 -0.03 17.81
N GLY A 807 6.44 -0.84 16.90
CA GLY A 807 7.45 -1.87 17.28
C GLY A 807 6.81 -3.05 18.00
N LEU A 808 5.49 -3.17 17.87
CA LEU A 808 4.73 -4.29 18.43
C LEU A 808 4.45 -5.35 17.38
N ASP A 809 4.20 -6.57 17.81
CA ASP A 809 3.80 -7.62 16.90
C ASP A 809 2.55 -8.29 17.50
N PHE A 810 1.44 -8.17 16.79
CA PHE A 810 0.10 -8.57 17.20
C PHE A 810 -0.22 -9.97 16.72
N TYR A 811 -1.34 -10.50 17.20
CA TYR A 811 -1.83 -11.83 16.85
C TYR A 811 -0.83 -12.98 17.03
N ARG A 812 -0.10 -12.93 18.14
CA ARG A 812 0.94 -13.93 18.43
C ARG A 812 0.38 -15.29 18.80
N LYS A 813 -0.85 -15.35 19.30
CA LYS A 813 -1.43 -16.61 19.81
C LYS A 813 -2.84 -16.78 19.31
N THR A 814 -2.99 -17.32 18.12
CA THR A 814 -4.31 -17.65 17.58
C THR A 814 -4.26 -19.11 17.17
N SER A 815 -5.37 -19.66 16.74
CA SER A 815 -5.29 -21.01 16.18
C SER A 815 -5.14 -20.96 14.64
N ARG A 816 -4.73 -19.81 14.08
CA ARG A 816 -4.64 -19.67 12.63
C ARG A 816 -3.20 -19.85 12.13
N SER A 817 -3.03 -20.22 10.88
CA SER A 817 -1.68 -20.37 10.33
C SER A 817 -1.01 -18.97 10.20
N TYR A 818 0.31 -18.94 10.25
CA TYR A 818 0.98 -17.70 10.33
C TYR A 818 0.76 -16.89 9.02
N SER A 819 0.74 -17.57 7.86
CA SER A 819 0.56 -16.88 6.59
CA SER A 819 0.58 -16.84 6.60
C SER A 819 -0.80 -16.23 6.53
N GLU A 820 -1.78 -16.89 7.13
CA GLU A 820 -3.15 -16.35 7.20
C GLU A 820 -3.16 -15.08 8.05
N ILE A 821 -2.41 -15.13 9.14
CA ILE A 821 -2.32 -13.97 10.04
C ILE A 821 -1.59 -12.83 9.31
N LEU A 822 -0.51 -13.14 8.59
CA LEU A 822 0.16 -12.11 7.77
C LEU A 822 -0.77 -11.40 6.78
N THR A 823 -1.59 -12.18 6.08
CA THR A 823 -2.61 -11.65 5.19
C THR A 823 -3.56 -10.73 5.98
N LEU A 824 -4.04 -11.21 7.12
CA LEU A 824 -4.89 -10.38 7.95
C LEU A 824 -4.25 -9.04 8.35
N LYS A 825 -2.94 -9.11 8.67
CA LYS A 825 -2.20 -7.94 9.14
C LYS A 825 -2.00 -6.93 7.97
N THR A 826 -2.03 -7.41 6.72
CA THR A 826 -1.98 -6.52 5.53
C THR A 826 -3.35 -5.99 5.05
N TYR A 827 -4.45 -6.57 5.54
CA TYR A 827 -5.80 -6.15 5.17
C TYR A 827 -6.02 -4.67 5.47
N LEU A 828 -6.69 -4.00 4.54
CA LEU A 828 -7.06 -2.62 4.73
C LEU A 828 -8.55 -2.54 4.49
N HIS A 829 -9.29 -2.06 5.46
CA HIS A 829 -10.71 -1.87 5.29
C HIS A 829 -10.90 -0.51 4.64
N THR A 830 -11.37 -0.48 3.39
N THR A 830 -11.33 -0.53 3.38
CA THR A 830 -11.30 0.76 2.57
CA THR A 830 -11.86 0.69 2.85
C THR A 830 -12.52 1.72 2.59
C THR A 830 -13.36 0.61 2.92
N TYR A 831 -13.69 1.21 2.98
N TYR A 831 -13.94 1.79 2.94
CA TYR A 831 -14.93 2.01 3.08
CA TYR A 831 -15.35 1.91 3.07
C TYR A 831 -15.40 2.68 1.77
C TYR A 831 -15.88 2.32 1.72
N GLU A 832 -15.13 1.99 0.66
CA GLU A 832 -15.58 2.31 -0.69
C GLU A 832 -16.76 1.35 -0.88
N SER A 833 -17.80 1.77 -1.59
CA SER A 833 -18.88 0.81 -1.92
C SER A 833 -18.43 -0.27 -2.95
N GLU A 834 -19.39 -1.01 -3.50
CA GLU A 834 -19.10 -2.13 -4.40
C GLU A 834 -18.51 -1.70 -5.75
C1 NAG B . 10.00 0.36 3.64
C2 NAG B . 10.10 0.92 5.05
C3 NAG B . 11.43 1.66 5.20
C4 NAG B . 12.64 0.88 4.73
C5 NAG B . 12.39 0.18 3.39
C6 NAG B . 13.52 -0.79 3.02
C7 NAG B . 8.10 1.34 6.38
C8 NAG B . 6.95 2.24 6.74
N2 NAG B . 8.96 1.77 5.41
O3 NAG B . 11.66 1.98 6.57
O4 NAG B . 13.67 1.84 4.49
O5 NAG B . 11.15 -0.51 3.42
O6 NAG B . 13.63 -1.77 4.08
O7 NAG B . 8.25 0.27 6.95
C1 NAG B . 14.90 1.53 5.12
C2 NAG B . 15.94 2.30 4.29
C3 NAG B . 17.29 2.19 5.03
C4 NAG B . 17.21 2.60 6.53
C5 NAG B . 16.04 1.92 7.28
C6 NAG B . 15.72 2.63 8.60
C7 NAG B . 15.41 2.22 1.83
C8 NAG B . 15.66 1.46 0.53
N2 NAG B . 16.04 1.75 2.93
O3 NAG B . 18.23 2.98 4.29
O4 NAG B . 18.42 2.33 7.26
O5 NAG B . 14.84 1.97 6.48
O6 NAG B . 15.33 4.02 8.35
O7 NAG B . 14.66 3.20 1.84
C1 BMA B . 19.31 3.49 7.23
C2 BMA B . 20.04 3.62 8.57
C3 BMA B . 21.25 4.61 8.49
C4 BMA B . 22.13 4.33 7.25
C5 BMA B . 21.29 4.33 5.97
C6 BMA B . 22.13 3.94 4.76
O2 BMA B . 20.43 2.29 8.96
O3 BMA B . 22.08 4.59 9.67
O4 BMA B . 23.16 5.30 7.07
O5 BMA B . 20.19 3.41 6.09
O6 BMA B . 21.46 4.51 3.64
C1 MAN B . 21.96 4.11 2.34
C2 MAN B . 21.04 4.76 1.28
C3 MAN B . 19.76 3.91 1.01
C4 MAN B . 20.14 2.45 0.71
C5 MAN B . 20.99 1.83 1.84
C6 MAN B . 21.44 0.37 1.58
O2 MAN B . 21.73 5.11 0.07
O3 MAN B . 18.91 4.38 -0.05
O4 MAN B . 18.93 1.70 0.48
O5 MAN B . 22.15 2.68 2.14
O6 MAN B . 21.75 0.04 0.20
C1 MAN B . 18.23 5.63 0.26
C2 MAN B . 16.83 5.73 -0.40
C3 MAN B . 16.94 5.88 -1.93
C4 MAN B . 17.98 6.92 -2.38
C5 MAN B . 19.27 6.92 -1.54
C6 MAN B . 20.14 8.17 -1.78
O2 MAN B . 16.18 6.91 0.10
O3 MAN B . 15.67 6.23 -2.50
O4 MAN B . 18.26 6.70 -3.77
O5 MAN B . 18.98 6.80 -0.12
O6 MAN B . 20.09 9.04 -0.64
C1 MAN B . 15.20 6.65 1.13
C2 MAN B . 14.27 7.89 1.22
C3 MAN B . 14.91 9.01 2.04
C4 MAN B . 15.63 8.56 3.35
C5 MAN B . 16.51 7.32 3.13
C6 MAN B . 17.12 6.74 4.42
O2 MAN B . 13.01 7.54 1.84
O3 MAN B . 13.87 9.94 2.35
O4 MAN B . 16.38 9.66 3.90
O5 MAN B . 15.77 6.30 2.42
O6 MAN B . 18.23 5.88 4.11
C1 MAN B . 21.80 5.60 10.71
C2 MAN B . 23.14 6.08 11.35
C3 MAN B . 23.72 5.11 12.40
C4 MAN B . 22.67 4.53 13.35
C5 MAN B . 21.48 4.03 12.49
C6 MAN B . 20.47 3.16 13.24
O2 MAN B . 22.98 7.38 11.94
O3 MAN B . 24.73 5.74 13.21
O4 MAN B . 23.28 3.47 14.10
O5 MAN B . 20.89 5.11 11.73
O6 MAN B . 20.91 1.81 13.07
C1 MAN B . 23.85 8.34 11.30
C2 MAN B . 24.54 9.31 12.29
C3 MAN B . 23.45 10.23 12.89
C4 MAN B . 22.64 10.97 11.81
C5 MAN B . 22.11 10.00 10.72
C6 MAN B . 21.56 10.71 9.50
O2 MAN B . 25.56 10.03 11.57
O3 MAN B . 23.96 11.18 13.84
O4 MAN B . 21.57 11.67 12.45
O5 MAN B . 23.17 9.10 10.29
O6 MAN B . 22.63 11.20 8.66
C10 Y8K C . 1.73 6.92 -19.17
C11 Y8K C . 5.29 6.27 -20.32
O12 Y8K C . 5.48 6.80 -21.43
C15 Y8K C . 7.87 3.70 -20.29
C16 Y8K C . 8.15 2.41 -21.06
C18 Y8K C . 8.42 0.12 -20.04
C20 Y8K C . 8.56 -1.96 -18.65
C21 Y8K C . 8.25 -2.33 -17.20
C22 Y8K C . 7.25 -3.33 -16.94
C23 Y8K C . 6.99 -3.74 -15.65
C24 Y8K C . 7.72 -3.16 -14.60
C26 Y8K C . 7.90 -4.85 -12.88
N1 Y8K C . 0.08 9.49 -17.58
S2 Y8K C . 0.59 8.08 -16.96
O3 Y8K C . 1.05 8.31 -15.59
O4 Y8K C . -0.41 7.11 -17.23
C5 Y8K C . 1.94 7.60 -17.91
C6 Y8K C . 3.29 7.83 -17.48
C7 Y8K C . 4.38 7.38 -18.23
C8 Y8K C . 4.16 6.72 -19.44
C9 Y8K C . 2.84 6.47 -19.93
N13 Y8K C . 6.16 5.27 -19.94
C14 Y8K C . 7.23 4.90 -20.93
N17 Y8K C . 8.04 1.44 -19.91
O19 Y8K C . 8.23 -0.58 -18.82
O25 Y8K C . 7.36 -3.68 -13.35
F27 Y8K C . 9.25 -4.77 -12.61
F28 Y8K C . 7.34 -5.15 -11.74
F29 Y8K C . 7.61 -5.85 -13.69
C30 Y8K C . 8.70 -2.19 -14.80
C31 Y8K C . 8.96 -1.75 -16.12
O32 Y8K C . 8.82 -0.34 -21.12
C33 Y8K C . 7.31 1.99 -18.70
C34 Y8K C . 6.69 3.16 -19.36
C35 Y8K C . 6.16 4.45 -18.70
C37 Y8K C . 9.19 4.22 -19.61
CL CL D . 3.22 13.81 -10.02
C ACT E . -11.57 10.80 -3.01
O ACT E . -11.91 10.07 -2.04
OXT ACT E . -12.40 11.20 -3.88
CH3 ACT E . -10.13 11.23 -3.13
K K F . -4.92 21.36 30.35
ZN ZN G . -2.10 7.77 -17.55
NA NA H . -13.25 22.02 11.13
CA CA I . 9.44 7.80 13.38
#